data_9W4R
#
_entry.id   9W4R
#
_cell.length_a   1.00
_cell.length_b   1.00
_cell.length_c   1.00
_cell.angle_alpha   90.00
_cell.angle_beta   90.00
_cell.angle_gamma   90.00
#
_symmetry.space_group_name_H-M   'P 1'
#
loop_
_entity.id
_entity.type
_entity.pdbx_description
1 polymer 'Terminal uridylyltransferase 4'
2 polymer 'Protein lin-28 homolog A'
3 polymer 'pre-let-7g miRNA'
4 non-polymer 'ZINC ION'
#
loop_
_entity_poly.entity_id
_entity_poly.type
_entity_poly.pdbx_seq_one_letter_code
_entity_poly.pdbx_strand_id
1 'polypeptide(L)'
;MEKCALQNSPRSQKQQTCTDNTGDSDDSASGIEDVSDDLSKMKNDESNKENSSEMDYLENATVIDESALTPEQRLGLKQA
EERLERDHIFRLEKRSPEYTNCRYLCKLCLIHIENIQGAHKHIKEKRHKKNILEKQEESELRSLPPPSPAHLAALSVAVI
ELAKEHGITDDDLRVRQEIVEEMSKVITTFLPECSLRLYGSSLTRFALKSSDVNIDIKFPPKMNHPDLLIKVLGILKKNV
LYVDVESDFHAKVPVVVCRDRKSGLLCRVSAGNDMACLTTDLLTALGKIEPVFIPLVLAFRYWAKLCYIDSQTDGGIPSY
CFALMVMFFLQQRKPPLLPCLLGSWIEGFDPKRMDDFQLKGIVEEKFVKWECNSSSATEKNSIAEENKAKADQPKDDTKK
TETDNQSNAMKEKHGKSPLALETPNRVSLGQLWLELLKFYTLDFALEEYVICVRIQDILTRENKNWPKRRIAIEDPFSVK
RNVARSLNSQLVYEYVVERFRAAYRYFACPQTKGGNKSTVDFKKREKGKISNKKPVKSNNMATNGCILLGETTEKINAER
EQPVQCDEMDCTSQRCIIDNNNLLVNELDFADHGQDSSSLSTSKSSEIEPKLDKKQDDLAPSETCLKKELSQCNCIDLSK
SPDPDKSTGTDCRSNLETESSHQSVCTDTSATSCNCKATEDASDLNDDDNLPTQELYYVFDKFILTSGKPPTIVCSICKK
DGHSKNDCPEDFRKIDLKPLPPMTNRFREILDLVCKRCFDELSPPCSEQHNREQILIGLEKFIQKEYDEKARLCLFGSSK
NGFGFRDSDLDICMTLEGHENAEKLNCKEIIENLAKILKRHPGLRNILPITTAKVPIVKFEHRRSGLEGDISLYNTLAQH
NTRMLATYAAIDPRVQYLGYTMKVFAKRCDIGDASRGSLSSYAYILMVLYFLQQRKPPVIPVLQEIFDGKQIPQRMVDGW
NAFFFDKTEELKKRLPSLGKNTESLGELWLGLLRFYTEEFDFKEYVISIRQKKLLTTFEKQWTSKCIAIEDPFDLNHNLG
AGVSRKMTNFIMKAFINGRKLFGTPFYPLIGREAEYFFDSRVLTDGELAPNDRCCRVCGKIGHYMKDCPKRKSLEHHHHH
H
;
A
2 'polypeptide(L)'
;MGSVSNQQFAGGCAKAAEEAPEEAPEDAARAADEPQLLHGAGICKWFNVRMGFGFLSMTARAGVALDPPVDVFVHQSKLH
MEGFRSLKEGEAVEFTFKKSAKGLESIRVTGPGGVFCIGSERRPKGKSMQKRRSKGDRCYNCGGLDHHAKECKLPPQPKK
CHFCQSISHMVASCPLKAQQGPSAQGKPTYFREEEEEIHSPTLLPEAQNLEHHHHHH
;
B
3 'polyribonucleotide'
;UGAGGUAGUAGUUUGUACAGUUUGAGGGUCUAUGAUACCACCCGGUACAGGAGAUAACUGUACAGGCCACUGCCUUGCUU
U
;
C
#
loop_
_chem_comp.id
_chem_comp.type
_chem_comp.name
_chem_comp.formula
A RNA linking ADENOSINE-5'-MONOPHOSPHATE 'C10 H14 N5 O7 P'
C RNA linking CYTIDINE-5'-MONOPHOSPHATE 'C9 H14 N3 O8 P'
G RNA linking GUANOSINE-5'-MONOPHOSPHATE 'C10 H14 N5 O8 P'
U RNA linking URIDINE-5'-MONOPHOSPHATE 'C9 H13 N2 O9 P'
ZN non-polymer 'ZINC ION' 'Zn 2'
#
# COMPACT_ATOMS: atom_id res chain seq x y z
N ARG A 74 -18.14 12.72 44.76
CA ARG A 74 -18.77 13.05 43.49
C ARG A 74 -17.91 14.00 42.67
N LEU A 75 -17.48 15.09 43.31
CA LEU A 75 -16.67 16.10 42.62
C LEU A 75 -15.25 15.63 42.34
N GLY A 76 -14.81 14.55 42.98
CA GLY A 76 -13.50 13.98 42.68
C GLY A 76 -13.39 13.51 41.24
N LEU A 77 -14.43 12.82 40.76
CA LEU A 77 -14.46 12.41 39.36
C LEU A 77 -14.59 13.61 38.43
N LYS A 78 -15.34 14.64 38.87
CA LYS A 78 -15.51 15.85 38.06
C LYS A 78 -14.22 16.64 37.94
N GLN A 79 -13.32 16.50 38.91
CA GLN A 79 -12.00 17.11 38.79
C GLN A 79 -11.03 16.19 38.04
N ALA A 80 -11.20 14.87 38.19
CA ALA A 80 -10.32 13.92 37.51
C ALA A 80 -10.53 13.95 36.01
N GLU A 81 -11.77 14.18 35.56
CA GLU A 81 -12.06 14.21 34.13
C GLU A 81 -11.47 15.43 33.43
N GLU A 82 -11.03 16.45 34.18
CA GLU A 82 -10.44 17.63 33.56
C GLU A 82 -9.09 17.30 32.92
N ARG A 83 -8.34 16.37 33.49
CA ARG A 83 -7.10 15.93 32.86
C ARG A 83 -7.36 15.22 31.53
N LEU A 84 -8.44 14.43 31.47
CA LEU A 84 -8.86 13.85 30.20
C LEU A 84 -9.30 14.92 29.22
N GLU A 85 -10.11 15.87 29.70
CA GLU A 85 -10.63 16.97 28.89
C GLU A 85 -9.52 17.90 28.39
N ARG A 86 -8.37 17.89 29.06
CA ARG A 86 -7.20 18.63 28.61
C ARG A 86 -6.77 18.22 27.20
N ASP A 87 -6.91 16.95 26.84
CA ASP A 87 -6.70 16.51 25.47
C ASP A 87 -7.94 15.76 24.98
N HIS A 88 -8.96 16.53 24.59
CA HIS A 88 -10.00 16.16 23.64
C HIS A 88 -10.88 14.98 24.06
N ILE A 89 -10.82 14.53 25.31
CA ILE A 89 -11.68 13.44 25.77
C ILE A 89 -12.98 14.03 26.28
N PHE A 90 -14.10 13.51 25.79
CA PHE A 90 -15.42 13.97 26.21
C PHE A 90 -16.34 12.78 26.34
N ARG A 91 -17.14 12.77 27.40
CA ARG A 91 -18.11 11.70 27.62
C ARG A 91 -19.26 11.84 26.62
N LEU A 92 -19.86 10.70 26.28
CA LEU A 92 -20.93 10.63 25.31
C LEU A 92 -22.25 10.34 26.01
N GLU A 93 -23.29 11.06 25.61
CA GLU A 93 -24.58 10.98 26.29
C GLU A 93 -25.27 9.64 26.02
N LYS A 94 -25.28 9.21 24.77
CA LYS A 94 -26.02 8.01 24.37
C LYS A 94 -25.09 7.03 23.67
N ARG A 95 -25.46 5.76 23.76
CA ARG A 95 -24.65 4.69 23.20
C ARG A 95 -24.63 4.74 21.67
N SER A 96 -23.49 4.42 21.09
CA SER A 96 -23.36 4.29 19.65
C SER A 96 -24.07 3.03 19.19
N PRO A 97 -24.47 2.97 17.90
CA PRO A 97 -25.00 1.72 17.36
C PRO A 97 -24.02 0.55 17.40
N GLU A 98 -22.73 0.81 17.24
CA GLU A 98 -21.71 -0.23 17.36
C GLU A 98 -20.84 -0.08 18.58
N TYR A 99 -20.44 1.14 18.94
CA TYR A 99 -19.67 1.37 20.15
C TYR A 99 -20.61 1.63 21.33
N THR A 100 -21.39 0.60 21.66
CA THR A 100 -22.48 0.72 22.62
C THR A 100 -21.95 0.96 24.03
N ASN A 101 -21.15 0.03 24.54
CA ASN A 101 -20.71 0.09 25.93
C ASN A 101 -19.70 1.20 26.19
N CYS A 102 -19.10 1.77 25.15
CA CYS A 102 -18.16 2.86 25.31
C CYS A 102 -18.89 4.14 25.73
N ARG A 103 -18.25 4.93 26.60
CA ARG A 103 -18.86 6.14 27.12
C ARG A 103 -18.15 7.43 26.75
N TYR A 104 -16.90 7.35 26.29
CA TYR A 104 -16.07 8.54 26.08
C TYR A 104 -15.55 8.54 24.66
N LEU A 105 -15.14 9.72 24.19
CA LEU A 105 -14.64 9.86 22.83
C LEU A 105 -13.53 10.90 22.79
N CYS A 106 -12.49 10.58 22.03
CA CYS A 106 -11.43 11.54 21.70
C CYS A 106 -11.77 12.22 20.39
N LYS A 107 -11.75 13.55 20.39
CA LYS A 107 -11.97 14.29 19.15
C LYS A 107 -10.84 14.06 18.15
N LEU A 108 -9.60 14.02 18.64
CA LEU A 108 -8.47 13.87 17.74
C LEU A 108 -8.32 12.44 17.24
N CYS A 109 -8.66 11.45 18.05
CA CYS A 109 -8.50 10.06 17.65
C CYS A 109 -9.71 9.48 16.96
N LEU A 110 -10.90 10.06 17.21
CA LEU A 110 -12.19 9.60 16.67
C LEU A 110 -12.52 8.16 17.07
N ILE A 111 -11.95 7.68 18.18
CA ILE A 111 -12.14 6.31 18.65
C ILE A 111 -12.84 6.38 20.00
N HIS A 112 -13.92 5.62 20.13
CA HIS A 112 -14.72 5.63 21.35
C HIS A 112 -13.96 4.98 22.51
N ILE A 113 -14.22 5.48 23.72
CA ILE A 113 -13.53 5.03 24.92
C ILE A 113 -14.57 4.58 25.93
N GLU A 114 -14.16 3.64 26.79
CA GLU A 114 -15.08 2.92 27.66
C GLU A 114 -15.23 3.57 29.03
N ASN A 115 -14.14 3.72 29.78
CA ASN A 115 -14.18 4.22 31.14
C ASN A 115 -12.98 5.13 31.38
N ILE A 116 -12.90 5.68 32.59
CA ILE A 116 -11.92 6.70 32.91
C ILE A 116 -10.52 6.11 33.01
N GLN A 117 -10.39 4.93 33.61
CA GLN A 117 -9.10 4.24 33.61
C GLN A 117 -8.69 3.84 32.20
N GLY A 118 -9.65 3.41 31.39
CA GLY A 118 -9.39 3.22 29.98
C GLY A 118 -9.09 4.51 29.24
N ALA A 119 -9.67 5.62 29.70
CA ALA A 119 -9.36 6.92 29.11
C ALA A 119 -7.92 7.33 29.42
N HIS A 120 -7.45 7.05 30.62
CA HIS A 120 -6.03 7.23 30.90
C HIS A 120 -5.19 6.22 30.14
N LYS A 121 -5.72 5.01 29.96
CA LYS A 121 -5.12 4.07 29.03
C LYS A 121 -5.23 4.58 27.59
N HIS A 122 -6.29 5.34 27.28
CA HIS A 122 -6.35 6.02 26.00
C HIS A 122 -5.38 7.20 25.95
N ILE A 123 -4.99 7.76 27.11
CA ILE A 123 -4.02 8.84 27.12
C ILE A 123 -2.65 8.31 26.70
N LYS A 124 -2.31 7.08 27.10
CA LYS A 124 -1.02 6.48 26.79
C LYS A 124 -0.87 6.12 25.31
N GLU A 125 -1.94 6.20 24.51
CA GLU A 125 -1.89 5.84 23.10
C GLU A 125 -0.94 6.73 22.33
N LYS A 126 -0.06 6.09 21.54
CA LYS A 126 0.89 6.82 20.72
C LYS A 126 0.20 7.58 19.59
N ARG A 127 -0.94 7.06 19.11
CA ARG A 127 -1.76 7.81 18.16
C ARG A 127 -2.30 9.08 18.78
N HIS A 128 -2.74 9.01 20.04
CA HIS A 128 -3.12 10.22 20.75
C HIS A 128 -1.92 11.10 21.07
N LYS A 129 -0.71 10.55 21.11
CA LYS A 129 0.48 11.35 21.36
C LYS A 129 0.82 12.20 20.14
N LYS A 130 0.74 11.62 18.93
CA LYS A 130 0.99 12.38 17.72
C LYS A 130 -0.11 13.41 17.48
N ASN A 131 -1.34 13.06 17.83
CA ASN A 131 -2.48 13.96 17.64
C ASN A 131 -2.35 15.23 18.49
N ILE A 132 -1.85 15.08 19.72
CA ILE A 132 -1.65 16.23 20.61
C ILE A 132 -0.64 17.20 20.01
N LEU A 133 0.46 16.68 19.48
CA LEU A 133 1.46 17.51 18.81
C LEU A 133 0.89 18.19 17.57
N GLU A 134 0.06 17.45 16.82
CA GLU A 134 -0.62 17.99 15.64
C GLU A 134 -1.50 19.18 16.02
N LYS A 135 -2.34 18.99 17.04
CA LYS A 135 -3.24 20.06 17.50
C LYS A 135 -2.46 21.23 18.09
N GLN A 136 -1.36 20.94 18.80
CA GLN A 136 -0.53 21.99 19.37
C GLN A 136 0.11 22.85 18.29
N GLU A 137 0.59 22.22 17.21
CA GLU A 137 1.12 22.98 16.08
C GLU A 137 0.04 23.84 15.41
N GLU A 138 -1.16 23.25 15.22
CA GLU A 138 -2.29 23.99 14.63
C GLU A 138 -2.64 25.23 15.45
N SER A 139 -2.83 25.04 16.76
CA SER A 139 -3.16 26.15 17.65
C SER A 139 -2.00 27.14 17.78
N GLU A 140 -0.76 26.66 17.64
CA GLU A 140 0.40 27.52 17.74
C GLU A 140 0.44 28.54 16.60
N LEU A 141 0.35 28.07 15.37
CA LEU A 141 0.38 29.05 14.29
C LEU A 141 -1.01 29.52 13.86
N ARG A 142 -2.05 29.20 14.63
CA ARG A 142 -3.35 29.78 14.32
C ARG A 142 -3.39 31.26 14.68
N SER A 143 -2.61 31.69 15.67
CA SER A 143 -2.73 33.02 16.24
C SER A 143 -1.53 33.92 15.93
N LEU A 144 -0.97 33.80 14.72
CA LEU A 144 0.07 34.73 14.30
C LEU A 144 -0.54 36.11 14.05
N PRO A 145 0.24 37.17 14.25
CA PRO A 145 -0.31 38.52 14.08
C PRO A 145 -0.61 38.79 12.62
N PRO A 146 -1.62 39.62 12.33
CA PRO A 146 -1.96 39.96 10.94
C PRO A 146 -0.83 40.72 10.27
N PRO A 147 -0.64 40.52 8.96
CA PRO A 147 0.50 41.16 8.28
C PRO A 147 0.37 42.67 8.19
N SER A 148 1.49 43.34 8.41
CA SER A 148 1.59 44.78 8.29
C SER A 148 1.59 45.18 6.82
N PRO A 149 1.29 46.45 6.50
CA PRO A 149 1.45 46.91 5.11
C PRO A 149 2.85 46.77 4.56
N ALA A 150 3.88 46.97 5.39
CA ALA A 150 5.24 46.66 4.95
C ALA A 150 5.42 45.16 4.76
N HIS A 151 4.84 44.36 5.65
CA HIS A 151 4.84 42.91 5.50
C HIS A 151 4.07 42.50 4.25
N LEU A 152 2.92 43.15 3.99
CA LEU A 152 2.15 42.87 2.78
C LEU A 152 2.95 43.22 1.52
N ALA A 153 3.65 44.35 1.54
CA ALA A 153 4.48 44.74 0.41
C ALA A 153 5.65 43.78 0.21
N ALA A 154 6.27 43.33 1.30
CA ALA A 154 7.36 42.37 1.20
C ALA A 154 6.87 41.03 0.67
N LEU A 155 5.69 40.59 1.11
CA LEU A 155 5.09 39.37 0.58
C LEU A 155 4.76 39.52 -0.90
N SER A 156 4.27 40.69 -1.29
CA SER A 156 4.00 40.95 -2.70
C SER A 156 5.28 40.91 -3.53
N VAL A 157 6.36 41.48 -3.00
CA VAL A 157 7.67 41.42 -3.65
C VAL A 157 8.15 39.98 -3.79
N ALA A 158 7.95 39.18 -2.73
CA ALA A 158 8.35 37.77 -2.75
C ALA A 158 7.57 36.98 -3.79
N VAL A 159 6.25 37.18 -3.86
CA VAL A 159 5.46 36.38 -4.80
C VAL A 159 5.68 36.84 -6.24
N ILE A 160 5.91 38.15 -6.47
CA ILE A 160 6.18 38.57 -7.85
C ILE A 160 7.58 38.14 -8.28
N GLU A 161 8.54 38.12 -7.36
CA GLU A 161 9.88 37.68 -7.76
C GLU A 161 9.91 36.16 -7.97
N LEU A 162 9.11 35.41 -7.22
CA LEU A 162 8.92 34.00 -7.50
C LEU A 162 8.25 33.80 -8.85
N ALA A 163 7.24 34.62 -9.16
CA ALA A 163 6.51 34.49 -10.41
C ALA A 163 7.31 34.93 -11.62
N LYS A 164 8.26 35.84 -11.45
CA LYS A 164 8.95 36.44 -12.59
C LYS A 164 10.34 35.89 -12.81
N GLU A 165 11.11 35.63 -11.74
CA GLU A 165 12.52 35.23 -11.90
C GLU A 165 12.65 33.87 -12.55
N HIS A 166 11.92 32.87 -12.07
CA HIS A 166 11.88 31.56 -12.69
C HIS A 166 10.47 31.00 -12.82
N GLY A 167 9.48 31.58 -12.15
CA GLY A 167 8.11 31.19 -12.36
C GLY A 167 7.66 31.48 -13.77
N ILE A 168 6.73 30.68 -14.27
CA ILE A 168 6.29 30.80 -15.66
C ILE A 168 5.47 32.08 -15.80
N THR A 169 6.03 33.03 -16.53
CA THR A 169 5.33 34.24 -16.91
C THR A 169 4.62 33.99 -18.24
N ASP A 170 4.03 35.04 -18.79
CA ASP A 170 3.48 34.93 -20.14
C ASP A 170 4.59 34.77 -21.17
N ASP A 171 5.77 35.35 -20.91
CA ASP A 171 6.94 35.07 -21.74
C ASP A 171 7.36 33.60 -21.61
N ASP A 172 7.38 33.09 -20.40
CA ASP A 172 7.69 31.67 -20.23
C ASP A 172 6.54 30.78 -20.67
N LEU A 173 5.31 31.31 -20.68
CA LEU A 173 4.20 30.60 -21.31
C LEU A 173 4.43 30.48 -22.82
N ARG A 174 4.98 31.55 -23.43
CA ARG A 174 5.38 31.49 -24.83
C ARG A 174 6.51 30.49 -25.04
N VAL A 175 7.44 30.43 -24.09
CA VAL A 175 8.52 29.43 -24.13
C VAL A 175 7.95 28.01 -24.07
N ARG A 176 6.97 27.79 -23.20
CA ARG A 176 6.29 26.50 -23.11
C ARG A 176 5.55 26.16 -24.40
N GLN A 177 4.92 27.17 -25.02
CA GLN A 177 4.25 26.97 -26.30
C GLN A 177 5.25 26.61 -27.39
N GLU A 178 6.44 27.23 -27.38
CA GLU A 178 7.50 26.87 -28.30
C GLU A 178 7.98 25.44 -28.08
N ILE A 179 8.08 25.03 -26.82
CA ILE A 179 8.48 23.66 -26.47
C ILE A 179 7.46 22.66 -27.00
N VAL A 180 6.18 22.95 -26.81
CA VAL A 180 5.12 22.06 -27.28
C VAL A 180 5.07 22.04 -28.81
N GLU A 181 5.32 23.18 -29.45
CA GLU A 181 5.34 23.21 -30.91
C GLU A 181 6.52 22.42 -31.47
N GLU A 182 7.68 22.50 -30.82
CA GLU A 182 8.83 21.69 -31.24
C GLU A 182 8.58 20.21 -31.04
N MET A 183 8.00 19.84 -29.90
CA MET A 183 7.66 18.43 -29.66
C MET A 183 6.59 17.95 -30.62
N SER A 184 5.67 18.84 -31.00
CA SER A 184 4.65 18.51 -31.98
C SER A 184 5.26 18.28 -33.36
N LYS A 185 6.24 19.10 -33.73
CA LYS A 185 7.00 18.87 -34.96
C LYS A 185 7.71 17.52 -34.94
N VAL A 186 8.33 17.20 -33.80
CA VAL A 186 9.06 15.95 -33.65
C VAL A 186 8.12 14.75 -33.77
N ILE A 187 6.97 14.81 -33.09
CA ILE A 187 6.03 13.68 -33.10
C ILE A 187 5.37 13.55 -34.47
N THR A 188 4.89 14.67 -35.03
CA THR A 188 4.22 14.64 -36.34
C THR A 188 5.17 14.32 -37.48
N THR A 189 6.48 14.45 -37.27
CA THR A 189 7.44 13.88 -38.22
C THR A 189 7.27 12.37 -38.33
N PHE A 190 6.95 11.71 -37.22
CA PHE A 190 6.70 10.27 -37.22
C PHE A 190 5.23 9.90 -37.11
N LEU A 191 4.43 10.72 -36.43
CA LEU A 191 2.99 10.47 -36.27
C LEU A 191 2.23 11.71 -36.70
N PRO A 192 2.13 11.95 -38.02
CA PRO A 192 1.40 13.14 -38.50
C PRO A 192 -0.09 13.11 -38.22
N GLU A 193 -0.68 11.91 -38.11
CA GLU A 193 -2.09 11.79 -37.78
C GLU A 193 -2.38 12.23 -36.34
N CYS A 194 -1.38 12.14 -35.47
CA CYS A 194 -1.53 12.62 -34.10
C CYS A 194 -1.38 14.13 -34.06
N SER A 195 -2.07 14.76 -33.10
CA SER A 195 -2.00 16.20 -32.93
C SER A 195 -1.82 16.51 -31.45
N LEU A 196 -0.84 17.37 -31.16
CA LEU A 196 -0.49 17.68 -29.78
C LEU A 196 -1.24 18.93 -29.33
N ARG A 197 -1.81 18.85 -28.14
CA ARG A 197 -2.52 19.96 -27.52
C ARG A 197 -1.88 20.24 -26.18
N LEU A 198 -1.24 21.39 -26.06
CA LEU A 198 -0.76 21.86 -24.76
C LEU A 198 -1.97 22.20 -23.88
N TYR A 199 -1.96 21.69 -22.66
CA TYR A 199 -3.07 21.91 -21.75
C TYR A 199 -2.53 21.75 -20.33
N GLY A 200 -3.43 21.66 -19.36
CA GLY A 200 -3.04 21.31 -18.01
C GLY A 200 -2.34 22.45 -17.29
N SER A 201 -1.58 22.06 -16.25
CA SER A 201 -0.94 23.03 -15.35
C SER A 201 0.08 23.92 -16.07
N SER A 202 0.62 23.46 -17.20
CA SER A 202 1.57 24.26 -17.96
C SER A 202 0.91 25.50 -18.59
N LEU A 203 -0.07 25.28 -19.46
CA LEU A 203 -0.63 26.39 -20.24
C LEU A 203 -1.55 27.28 -19.43
N THR A 204 -2.07 26.81 -18.30
CA THR A 204 -3.19 27.46 -17.62
C THR A 204 -2.86 28.81 -17.01
N ARG A 205 -1.57 29.20 -16.95
CA ARG A 205 -1.03 30.30 -16.13
C ARG A 205 -1.28 30.05 -14.63
N PHE A 206 -1.43 28.78 -14.27
CA PHE A 206 -1.47 28.27 -12.91
C PHE A 206 -0.26 27.36 -12.69
N ALA A 207 0.89 27.80 -13.15
CA ALA A 207 2.02 26.94 -13.39
C ALA A 207 3.02 26.95 -12.24
N LEU A 208 4.20 26.41 -12.51
CA LEU A 208 5.33 26.36 -11.59
C LEU A 208 6.59 26.62 -12.40
N LYS A 209 7.69 26.95 -11.71
CA LYS A 209 8.98 27.18 -12.34
C LYS A 209 9.45 25.95 -13.12
N SER A 210 9.38 24.78 -12.50
CA SER A 210 9.89 23.56 -13.11
C SER A 210 8.76 22.55 -13.27
N SER A 211 7.66 22.97 -13.88
CA SER A 211 6.48 22.14 -14.05
C SER A 211 6.77 20.93 -14.94
N ASP A 212 5.79 20.03 -14.99
CA ASP A 212 5.71 19.03 -16.03
C ASP A 212 4.65 19.48 -17.02
N VAL A 213 5.03 19.60 -18.29
CA VAL A 213 4.12 20.04 -19.34
C VAL A 213 3.07 18.97 -19.58
N ASN A 214 1.80 19.37 -19.62
CA ASN A 214 0.70 18.47 -19.90
C ASN A 214 0.33 18.59 -21.37
N ILE A 215 0.44 17.48 -22.10
CA ILE A 215 0.19 17.44 -23.53
C ILE A 215 -0.78 16.30 -23.81
N ASP A 216 -1.88 16.60 -24.49
CA ASP A 216 -2.85 15.59 -24.89
C ASP A 216 -2.69 15.32 -26.37
N ILE A 217 -2.80 14.05 -26.76
CA ILE A 217 -2.70 13.64 -28.15
C ILE A 217 -4.09 13.35 -28.67
N LYS A 218 -4.51 14.08 -29.68
CA LYS A 218 -5.76 13.81 -30.40
C LYS A 218 -5.40 13.09 -31.69
N PHE A 219 -5.92 11.89 -31.85
CA PHE A 219 -5.52 10.96 -32.89
C PHE A 219 -6.77 10.34 -33.49
N PRO A 220 -6.69 9.86 -34.74
CA PRO A 220 -7.76 9.01 -35.26
C PRO A 220 -7.88 7.73 -34.46
N PRO A 221 -9.11 7.25 -34.21
CA PRO A 221 -9.30 6.10 -33.31
C PRO A 221 -8.83 4.77 -33.87
N LYS A 222 -8.34 4.72 -35.12
CA LYS A 222 -7.90 3.48 -35.73
C LYS A 222 -6.49 3.08 -35.31
N MET A 223 -6.25 3.03 -34.00
CA MET A 223 -4.93 2.69 -33.46
C MET A 223 -5.11 2.29 -31.99
N ASN A 224 -4.09 1.60 -31.48
CA ASN A 224 -4.09 1.16 -30.09
C ASN A 224 -3.43 2.24 -29.22
N HIS A 225 -4.13 2.67 -28.17
CA HIS A 225 -3.62 3.70 -27.29
C HIS A 225 -2.34 3.31 -26.54
N PRO A 226 -2.19 2.09 -25.98
CA PRO A 226 -0.85 1.70 -25.53
C PRO A 226 0.20 1.67 -26.63
N ASP A 227 -0.16 1.30 -27.86
CA ASP A 227 0.81 1.27 -28.96
C ASP A 227 1.30 2.67 -29.29
N LEU A 228 0.39 3.64 -29.37
CA LEU A 228 0.80 5.01 -29.66
C LEU A 228 1.58 5.61 -28.50
N LEU A 229 1.21 5.26 -27.27
CA LEU A 229 1.95 5.73 -26.11
C LEU A 229 3.37 5.18 -26.08
N ILE A 230 3.53 3.90 -26.42
CA ILE A 230 4.85 3.27 -26.50
C ILE A 230 5.66 3.87 -27.64
N LYS A 231 5.02 4.16 -28.77
CA LYS A 231 5.72 4.79 -29.89
C LYS A 231 6.17 6.20 -29.56
N VAL A 232 5.34 6.97 -28.85
CA VAL A 232 5.73 8.32 -28.42
C VAL A 232 6.88 8.24 -27.41
N LEU A 233 6.83 7.24 -26.51
CA LEU A 233 7.92 7.00 -25.57
C LEU A 233 9.22 6.69 -26.30
N GLY A 234 9.16 5.85 -27.33
CA GLY A 234 10.35 5.54 -28.11
C GLY A 234 10.87 6.73 -28.91
N ILE A 235 9.95 7.56 -29.42
CA ILE A 235 10.35 8.78 -30.13
C ILE A 235 11.08 9.73 -29.19
N LEU A 236 10.55 9.91 -27.98
CA LEU A 236 11.18 10.78 -27.00
C LEU A 236 12.51 10.21 -26.52
N LYS A 237 12.61 8.89 -26.39
CA LYS A 237 13.89 8.27 -26.06
C LYS A 237 14.92 8.46 -27.17
N LYS A 238 14.49 8.37 -28.43
CA LYS A 238 15.36 8.67 -29.55
C LYS A 238 15.71 10.15 -29.60
N ASN A 239 14.77 11.00 -29.19
CA ASN A 239 15.00 12.44 -29.16
C ASN A 239 16.05 12.79 -28.10
N VAL A 240 16.92 13.75 -28.43
CA VAL A 240 17.99 14.18 -27.53
C VAL A 240 17.65 15.46 -26.79
N LEU A 241 16.59 16.16 -27.19
CA LEU A 241 16.20 17.39 -26.51
C LEU A 241 15.37 17.10 -25.26
N TYR A 242 14.34 16.27 -25.40
CA TYR A 242 13.48 15.90 -24.29
C TYR A 242 14.05 14.68 -23.58
N VAL A 243 15.09 14.94 -22.78
CA VAL A 243 15.81 13.91 -22.03
C VAL A 243 14.97 13.39 -20.87
N ASP A 244 15.46 12.34 -20.21
CA ASP A 244 14.86 11.73 -19.02
C ASP A 244 13.45 11.21 -19.30
N VAL A 245 13.38 10.29 -20.25
CA VAL A 245 12.12 9.73 -20.71
C VAL A 245 11.75 8.55 -19.84
N GLU A 246 10.56 8.60 -19.23
CA GLU A 246 10.04 7.54 -18.39
C GLU A 246 8.72 7.06 -18.93
N SER A 247 8.36 5.83 -18.53
CA SER A 247 7.23 5.09 -19.08
C SER A 247 6.23 4.75 -17.99
N ASP A 248 5.85 5.77 -17.21
CA ASP A 248 4.90 5.60 -16.11
C ASP A 248 3.50 5.37 -16.68
N PHE A 249 3.27 4.13 -17.09
CA PHE A 249 1.98 3.72 -17.62
C PHE A 249 1.11 3.04 -16.58
N HIS A 250 1.39 3.26 -15.31
CA HIS A 250 0.72 2.55 -14.23
C HIS A 250 -0.09 3.47 -13.32
N ALA A 251 0.01 4.78 -13.49
CA ALA A 251 -0.82 5.71 -12.72
C ALA A 251 -2.26 5.70 -13.24
N LYS A 252 -3.07 6.61 -12.68
CA LYS A 252 -4.46 6.74 -13.13
C LYS A 252 -4.54 7.19 -14.58
N VAL A 253 -3.58 7.98 -15.03
CA VAL A 253 -3.44 8.34 -16.43
C VAL A 253 -2.06 7.88 -16.89
N PRO A 254 -1.97 6.94 -17.83
CA PRO A 254 -0.66 6.50 -18.31
C PRO A 254 0.07 7.59 -19.10
N VAL A 255 1.20 8.03 -18.57
CA VAL A 255 1.87 9.23 -19.07
C VAL A 255 3.32 8.93 -19.38
N VAL A 256 3.81 9.46 -20.50
CA VAL A 256 5.24 9.44 -20.81
C VAL A 256 5.87 10.68 -20.19
N VAL A 257 7.09 10.55 -19.68
CA VAL A 257 7.79 11.65 -19.02
C VAL A 257 9.06 11.96 -19.82
N CYS A 258 9.44 13.24 -19.81
CA CYS A 258 10.65 13.73 -20.47
C CYS A 258 11.02 15.06 -19.84
N ARG A 259 12.15 15.63 -20.28
CA ARG A 259 12.69 16.86 -19.68
C ARG A 259 13.25 17.73 -20.80
N ASP A 260 12.63 18.89 -21.01
CA ASP A 260 13.12 19.84 -22.00
C ASP A 260 14.40 20.50 -21.50
N ARG A 261 15.48 20.37 -22.29
CA ARG A 261 16.78 20.88 -21.88
C ARG A 261 16.92 22.38 -22.07
N LYS A 262 16.26 22.96 -23.09
CA LYS A 262 16.39 24.39 -23.36
C LYS A 262 15.81 25.22 -22.22
N SER A 263 14.58 24.90 -21.81
CA SER A 263 14.07 25.44 -20.55
C SER A 263 14.59 24.65 -19.36
N GLY A 264 14.99 23.40 -19.56
CA GLY A 264 15.42 22.55 -18.47
C GLY A 264 14.32 22.20 -17.50
N LEU A 265 13.09 22.04 -17.99
CA LEU A 265 11.94 21.79 -17.15
C LEU A 265 11.19 20.57 -17.69
N LEU A 266 10.43 19.92 -16.81
CA LEU A 266 9.83 18.63 -17.15
C LEU A 266 8.68 18.79 -18.14
N CYS A 267 8.42 17.70 -18.86
CA CYS A 267 7.31 17.62 -19.80
C CYS A 267 6.72 16.22 -19.72
N ARG A 268 5.43 16.10 -20.02
CA ARG A 268 4.76 14.81 -20.00
C ARG A 268 3.76 14.72 -21.14
N VAL A 269 3.49 13.49 -21.57
CA VAL A 269 2.64 13.21 -22.71
C VAL A 269 1.50 12.30 -22.26
N SER A 270 0.27 12.69 -22.55
CA SER A 270 -0.92 11.89 -22.31
C SER A 270 -1.80 11.98 -23.56
N ALA A 271 -2.97 11.37 -23.49
CA ALA A 271 -3.88 11.36 -24.63
C ALA A 271 -5.30 11.08 -24.15
N GLY A 272 -6.27 11.71 -24.81
CA GLY A 272 -7.67 11.41 -24.61
C GLY A 272 -8.33 12.09 -23.42
N ASN A 273 -7.59 12.86 -22.64
CA ASN A 273 -8.15 13.53 -21.46
C ASN A 273 -8.71 14.90 -21.86
N ASP A 274 -9.73 14.87 -22.71
CA ASP A 274 -10.38 16.09 -23.18
C ASP A 274 -11.17 16.79 -22.08
N MET A 275 -11.56 16.07 -21.03
CA MET A 275 -12.18 16.68 -19.86
C MET A 275 -11.23 17.67 -19.18
N ALA A 276 -9.96 17.25 -19.00
CA ALA A 276 -8.97 18.16 -18.46
C ALA A 276 -8.59 19.26 -19.45
N CYS A 277 -8.76 19.00 -20.76
CA CYS A 277 -8.57 20.04 -21.76
C CYS A 277 -9.62 21.14 -21.63
N LEU A 278 -10.88 20.74 -21.45
CA LEU A 278 -11.95 21.72 -21.23
C LEU A 278 -11.77 22.44 -19.91
N THR A 279 -11.30 21.74 -18.88
CA THR A 279 -10.97 22.38 -17.60
C THR A 279 -9.82 23.37 -17.75
N THR A 280 -8.83 23.03 -18.57
CA THR A 280 -7.71 23.92 -18.88
C THR A 280 -8.19 25.18 -19.56
N ASP A 281 -9.09 25.04 -20.52
CA ASP A 281 -9.65 26.20 -21.21
C ASP A 281 -10.46 27.08 -20.26
N LEU A 282 -11.20 26.45 -19.34
CA LEU A 282 -11.93 27.17 -18.29
C LEU A 282 -10.99 28.00 -17.42
N LEU A 283 -9.90 27.39 -16.96
CA LEU A 283 -8.95 28.10 -16.12
C LEU A 283 -8.25 29.21 -16.89
N THR A 284 -7.84 28.96 -18.14
CA THR A 284 -7.13 29.97 -18.92
C THR A 284 -8.03 31.16 -19.24
N ALA A 285 -9.33 30.91 -19.43
CA ALA A 285 -10.27 32.02 -19.58
C ALA A 285 -10.39 32.84 -18.31
N LEU A 286 -10.45 32.16 -17.15
CA LEU A 286 -10.41 32.88 -15.87
C LEU A 286 -9.12 33.68 -15.71
N GLY A 287 -8.01 33.15 -16.21
CA GLY A 287 -6.75 33.86 -16.15
C GLY A 287 -6.71 35.09 -17.01
N LYS A 288 -7.28 35.01 -18.22
CA LYS A 288 -7.45 36.21 -19.02
C LYS A 288 -8.46 37.18 -18.43
N ILE A 289 -9.29 36.74 -17.47
CA ILE A 289 -10.13 37.70 -16.75
C ILE A 289 -9.35 38.36 -15.61
N GLU A 290 -8.83 37.56 -14.66
CA GLU A 290 -8.27 38.16 -13.44
C GLU A 290 -6.75 38.07 -13.42
N PRO A 291 -6.05 39.13 -12.97
CA PRO A 291 -4.58 39.10 -12.97
C PRO A 291 -3.90 38.36 -11.82
N VAL A 292 -4.51 38.34 -10.61
CA VAL A 292 -3.91 37.68 -9.45
C VAL A 292 -3.83 36.16 -9.62
N PHE A 293 -4.62 35.64 -10.57
CA PHE A 293 -4.56 34.28 -11.08
C PHE A 293 -3.14 33.82 -11.35
N ILE A 294 -2.40 34.60 -12.15
CA ILE A 294 -1.08 34.16 -12.60
C ILE A 294 -0.06 33.99 -11.48
N PRO A 295 0.08 34.94 -10.49
CA PRO A 295 1.06 34.66 -9.42
C PRO A 295 0.60 33.71 -8.32
N LEU A 296 -0.73 33.59 -8.08
CA LEU A 296 -1.17 32.89 -6.86
C LEU A 296 -0.83 31.40 -6.89
N VAL A 297 -1.04 30.73 -8.01
CA VAL A 297 -0.74 29.30 -8.03
C VAL A 297 0.73 29.05 -8.34
N LEU A 298 1.44 30.04 -8.90
CA LEU A 298 2.90 29.97 -8.91
C LEU A 298 3.43 29.87 -7.48
N ALA A 299 2.90 30.71 -6.58
CA ALA A 299 3.30 30.63 -5.17
C ALA A 299 2.81 29.35 -4.49
N PHE A 300 1.55 28.97 -4.74
CA PHE A 300 0.99 27.78 -4.09
C PHE A 300 1.65 26.50 -4.55
N ARG A 301 1.92 26.39 -5.86
CA ARG A 301 2.60 25.22 -6.40
C ARG A 301 4.07 25.20 -5.99
N TYR A 302 4.68 26.37 -5.77
CA TYR A 302 6.05 26.35 -5.24
C TYR A 302 6.07 25.88 -3.80
N TRP A 303 5.06 26.24 -3.00
CA TRP A 303 4.94 25.63 -1.67
C TRP A 303 4.73 24.12 -1.77
N ALA A 304 3.87 23.69 -2.70
CA ALA A 304 3.51 22.28 -2.82
C ALA A 304 4.71 21.43 -3.25
N LYS A 305 5.53 21.94 -4.17
CA LYS A 305 6.74 21.22 -4.52
C LYS A 305 7.83 21.38 -3.47
N LEU A 306 7.69 22.33 -2.54
CA LEU A 306 8.60 22.43 -1.41
C LEU A 306 8.19 21.54 -0.26
N CYS A 307 7.09 20.80 -0.38
CA CYS A 307 6.65 19.88 0.65
C CYS A 307 6.38 18.49 0.11
N TYR A 308 6.60 18.27 -1.19
CA TYR A 308 6.41 16.99 -1.88
C TYR A 308 5.01 16.42 -1.69
N ILE A 309 4.01 17.29 -1.82
CA ILE A 309 2.61 16.88 -1.86
C ILE A 309 2.13 16.70 -3.31
N ASP A 310 2.82 17.31 -4.28
CA ASP A 310 2.37 17.30 -5.67
C ASP A 310 2.48 15.93 -6.32
N SER A 311 3.30 15.03 -5.79
CA SER A 311 3.48 13.72 -6.40
C SER A 311 2.29 12.82 -6.11
N GLN A 312 1.34 12.77 -7.05
CA GLN A 312 0.17 11.91 -6.90
C GLN A 312 0.54 10.44 -7.01
N THR A 313 1.65 10.12 -7.68
CA THR A 313 2.16 8.76 -7.69
C THR A 313 2.62 8.34 -6.31
N ASP A 314 3.09 9.29 -5.50
CA ASP A 314 3.54 9.04 -4.13
C ASP A 314 2.45 9.29 -3.11
N GLY A 315 1.19 9.03 -3.48
CA GLY A 315 0.09 9.20 -2.55
C GLY A 315 -0.34 10.63 -2.34
N GLY A 316 0.13 11.56 -3.14
CA GLY A 316 -0.17 12.96 -2.98
C GLY A 316 -1.38 13.40 -3.77
N ILE A 317 -1.35 14.66 -4.22
CA ILE A 317 -2.45 15.29 -4.93
C ILE A 317 -1.89 15.91 -6.20
N PRO A 318 -2.54 15.76 -7.36
CA PRO A 318 -1.97 16.29 -8.61
C PRO A 318 -1.91 17.82 -8.64
N SER A 319 -0.97 18.33 -9.45
CA SER A 319 -0.78 19.77 -9.61
C SER A 319 -2.00 20.42 -10.23
N TYR A 320 -2.63 19.74 -11.19
CA TYR A 320 -3.89 20.18 -11.76
C TYR A 320 -4.98 20.25 -10.70
N CYS A 321 -4.97 19.31 -9.76
CA CYS A 321 -5.90 19.39 -8.64
C CYS A 321 -5.58 20.54 -7.70
N PHE A 322 -4.30 20.92 -7.57
CA PHE A 322 -3.96 22.12 -6.82
C PHE A 322 -4.45 23.38 -7.53
N ALA A 323 -4.38 23.38 -8.86
CA ALA A 323 -4.95 24.45 -9.66
C ALA A 323 -6.44 24.59 -9.42
N LEU A 324 -7.15 23.46 -9.42
CA LEU A 324 -8.57 23.46 -9.10
C LEU A 324 -8.84 23.88 -7.66
N MET A 325 -7.92 23.53 -6.75
CA MET A 325 -8.03 23.89 -5.35
C MET A 325 -8.01 25.40 -5.15
N VAL A 326 -7.05 26.06 -5.78
CA VAL A 326 -6.99 27.52 -5.63
C VAL A 326 -8.06 28.21 -6.48
N MET A 327 -8.54 27.55 -7.54
CA MET A 327 -9.73 28.06 -8.24
C MET A 327 -10.95 28.06 -7.32
N PHE A 328 -11.11 26.97 -6.54
CA PHE A 328 -12.16 26.92 -5.53
C PHE A 328 -11.94 27.96 -4.44
N PHE A 329 -10.66 28.22 -4.11
CA PHE A 329 -10.36 29.26 -3.13
C PHE A 329 -10.81 30.64 -3.63
N LEU A 330 -10.41 31.00 -4.84
CA LEU A 330 -10.80 32.27 -5.46
C LEU A 330 -12.31 32.37 -5.59
N GLN A 331 -12.97 31.23 -5.85
CA GLN A 331 -14.43 31.18 -5.82
C GLN A 331 -14.97 31.49 -4.42
N GLN A 332 -14.35 30.94 -3.39
CA GLN A 332 -14.90 31.00 -2.05
C GLN A 332 -14.29 32.09 -1.17
N ARG A 333 -13.21 32.73 -1.60
CA ARG A 333 -12.58 33.77 -0.78
C ARG A 333 -13.45 35.00 -0.82
N LYS A 334 -14.23 35.23 0.23
CA LYS A 334 -15.11 36.39 0.29
C LYS A 334 -14.30 37.67 0.45
N PRO A 335 -14.61 38.74 -0.31
CA PRO A 335 -15.57 38.81 -1.42
C PRO A 335 -15.02 38.18 -2.69
N PRO A 336 -15.86 37.45 -3.44
CA PRO A 336 -15.36 36.52 -4.45
C PRO A 336 -14.62 37.22 -5.59
N LEU A 337 -13.61 36.54 -6.11
CA LEU A 337 -12.80 37.09 -7.18
C LEU A 337 -12.92 36.31 -8.48
N LEU A 338 -13.68 35.21 -8.50
CA LEU A 338 -13.99 34.49 -9.71
C LEU A 338 -15.44 34.04 -9.62
N PRO A 339 -16.25 34.24 -10.64
CA PRO A 339 -17.63 33.76 -10.60
C PRO A 339 -17.71 32.28 -10.90
N CYS A 340 -18.76 31.66 -10.36
CA CYS A 340 -18.99 30.24 -10.54
C CYS A 340 -19.58 29.95 -11.91
N LEU A 341 -19.59 28.66 -12.27
CA LEU A 341 -20.04 28.26 -13.60
C LEU A 341 -21.54 28.00 -13.67
N LEU A 342 -22.22 27.81 -12.55
CA LEU A 342 -23.65 27.57 -12.53
C LEU A 342 -24.26 28.34 -11.37
N GLY A 343 -25.35 29.04 -11.62
CA GLY A 343 -25.88 29.92 -10.61
C GLY A 343 -27.29 30.37 -10.89
N SER A 344 -27.66 31.49 -10.25
CA SER A 344 -29.05 31.96 -10.23
C SER A 344 -29.51 32.45 -11.58
N TRP A 345 -28.59 32.86 -12.46
CA TRP A 345 -28.97 33.27 -13.81
C TRP A 345 -29.54 32.12 -14.62
N ILE A 346 -29.21 30.88 -14.27
CA ILE A 346 -29.86 29.70 -14.84
C ILE A 346 -31.22 29.58 -14.17
N GLU A 347 -32.26 30.06 -14.84
CA GLU A 347 -33.63 29.87 -14.35
C GLU A 347 -34.02 28.40 -14.48
N GLY A 348 -34.64 27.88 -13.42
CA GLY A 348 -34.95 26.46 -13.39
C GLY A 348 -33.79 25.57 -13.06
N PHE A 349 -32.78 26.09 -12.37
CA PHE A 349 -31.63 25.30 -11.95
C PHE A 349 -31.91 24.65 -10.60
N ASP A 350 -31.34 23.46 -10.40
CA ASP A 350 -31.44 22.75 -9.15
C ASP A 350 -30.05 22.27 -8.73
N PRO A 351 -29.66 22.49 -7.47
CA PRO A 351 -28.34 22.02 -7.01
C PRO A 351 -28.15 20.52 -7.04
N LYS A 352 -29.21 19.75 -6.81
CA LYS A 352 -29.06 18.30 -6.67
C LYS A 352 -28.79 17.64 -8.02
N ARG A 353 -29.50 18.05 -9.07
CA ARG A 353 -29.30 17.48 -10.40
C ARG A 353 -28.23 18.21 -11.20
N MET A 354 -27.25 18.78 -10.51
CA MET A 354 -26.16 19.54 -11.12
C MET A 354 -25.31 18.70 -12.07
N ASP A 355 -25.22 17.38 -11.83
CA ASP A 355 -24.46 16.51 -12.72
C ASP A 355 -25.12 16.37 -14.08
N ASP A 356 -26.44 16.59 -14.16
CA ASP A 356 -27.13 16.54 -15.44
C ASP A 356 -26.78 17.73 -16.33
N PHE A 357 -26.33 18.84 -15.76
CA PHE A 357 -26.00 20.04 -16.52
C PHE A 357 -24.59 19.90 -17.11
N GLN A 358 -24.50 19.08 -18.16
CA GLN A 358 -23.22 18.86 -18.82
C GLN A 358 -22.77 20.10 -19.56
N LEU A 359 -21.53 20.49 -19.35
CA LEU A 359 -20.95 21.67 -19.97
C LEU A 359 -20.15 21.28 -21.21
N LYS A 360 -19.77 22.29 -21.98
CA LYS A 360 -19.06 22.12 -23.25
C LYS A 360 -17.90 23.10 -23.26
N GLY A 361 -17.36 23.34 -24.46
CA GLY A 361 -16.19 24.20 -24.63
C GLY A 361 -16.37 25.66 -24.32
N ILE A 362 -15.31 26.45 -24.53
CA ILE A 362 -15.26 27.84 -24.12
C ILE A 362 -15.49 28.72 -25.34
N VAL A 363 -16.40 29.69 -25.22
CA VAL A 363 -16.71 30.63 -26.29
C VAL A 363 -16.08 31.98 -25.94
N GLU A 364 -15.35 32.55 -26.91
CA GLU A 364 -14.73 33.89 -26.92
C GLU A 364 -13.84 34.16 -25.70
N GLU A 365 -13.37 33.10 -25.04
CA GLU A 365 -12.57 33.15 -23.81
C GLU A 365 -13.25 33.95 -22.70
N LYS A 366 -14.58 33.97 -22.70
CA LYS A 366 -15.37 34.69 -21.71
C LYS A 366 -16.57 33.91 -21.22
N PHE A 367 -16.94 32.82 -21.86
CA PHE A 367 -18.14 32.07 -21.50
C PHE A 367 -17.86 30.58 -21.63
N VAL A 368 -18.64 29.79 -20.90
CA VAL A 368 -18.59 28.33 -20.95
C VAL A 368 -19.90 27.83 -21.52
N LYS A 369 -19.82 26.97 -22.54
CA LYS A 369 -21.02 26.40 -23.13
C LYS A 369 -21.52 25.23 -22.28
N TRP A 370 -22.83 25.02 -22.32
CA TRP A 370 -23.46 23.90 -21.63
C TRP A 370 -24.71 23.52 -22.42
N GLU A 371 -25.11 22.26 -22.29
CA GLU A 371 -26.21 21.73 -23.08
C GLU A 371 -26.77 20.49 -22.38
N CYS A 372 -28.09 20.35 -22.41
CA CYS A 372 -28.76 19.14 -22.00
C CYS A 372 -29.34 18.46 -23.23
N ASN A 373 -29.31 17.12 -23.23
CA ASN A 373 -29.75 16.36 -24.39
C ASN A 373 -31.26 16.21 -24.45
N LYS A 413 -32.44 24.67 -24.07
CA LYS A 413 -31.85 23.34 -24.13
C LYS A 413 -30.34 23.44 -23.94
N HIS A 414 -29.82 24.66 -24.09
CA HIS A 414 -28.39 24.90 -24.02
C HIS A 414 -28.17 26.38 -23.70
N GLY A 415 -26.90 26.75 -23.57
CA GLY A 415 -26.57 28.14 -23.30
C GLY A 415 -25.12 28.28 -22.91
N LYS A 416 -24.81 29.44 -22.34
CA LYS A 416 -23.46 29.73 -21.88
C LYS A 416 -23.51 30.53 -20.58
N SER A 417 -22.43 30.42 -19.82
CA SER A 417 -22.31 31.02 -18.49
C SER A 417 -21.04 31.85 -18.41
N PRO A 418 -21.07 32.97 -17.69
CA PRO A 418 -19.92 33.88 -17.67
C PRO A 418 -18.77 33.36 -16.82
N LEU A 419 -17.57 33.77 -17.21
CA LEU A 419 -16.36 33.48 -16.44
C LEU A 419 -15.71 34.73 -15.87
N ALA A 420 -16.44 35.84 -15.82
CA ALA A 420 -15.84 37.11 -15.44
C ALA A 420 -16.72 37.82 -14.43
N LEU A 421 -16.06 38.63 -13.61
CA LEU A 421 -16.70 39.72 -12.90
C LEU A 421 -16.41 40.99 -13.68
N GLU A 422 -17.39 41.88 -13.75
CA GLU A 422 -17.30 43.03 -14.66
C GLU A 422 -16.31 44.10 -14.20
N THR A 423 -15.72 43.95 -13.03
CA THR A 423 -14.65 44.83 -12.58
C THR A 423 -13.53 43.99 -12.01
N PRO A 424 -12.34 44.02 -12.59
CA PRO A 424 -11.21 43.28 -12.02
C PRO A 424 -10.70 43.93 -10.75
N ASN A 425 -11.30 43.56 -9.62
CA ASN A 425 -10.95 44.12 -8.33
C ASN A 425 -9.49 43.84 -7.98
N ARG A 426 -8.80 44.89 -7.51
CA ARG A 426 -7.37 44.83 -7.25
C ARG A 426 -7.14 44.81 -5.75
N VAL A 427 -6.56 43.71 -5.27
CA VAL A 427 -6.05 43.62 -3.91
C VAL A 427 -4.61 43.15 -4.01
N SER A 428 -3.86 43.36 -2.94
CA SER A 428 -2.44 43.04 -2.94
C SER A 428 -2.22 41.54 -3.00
N LEU A 429 -1.18 41.13 -3.73
CA LEU A 429 -0.89 39.72 -3.93
C LEU A 429 -0.42 39.05 -2.64
N GLY A 430 0.23 39.81 -1.76
CA GLY A 430 0.67 39.24 -0.50
C GLY A 430 -0.47 38.85 0.41
N GLN A 431 -1.50 39.71 0.49
CA GLN A 431 -2.69 39.39 1.26
C GLN A 431 -3.40 38.17 0.71
N LEU A 432 -3.50 38.08 -0.62
CA LEU A 432 -4.12 36.93 -1.26
C LEU A 432 -3.33 35.65 -1.00
N TRP A 433 -2.00 35.73 -1.08
CA TRP A 433 -1.17 34.56 -0.89
C TRP A 433 -1.19 34.08 0.56
N LEU A 434 -1.26 35.01 1.52
CA LEU A 434 -1.39 34.59 2.91
C LEU A 434 -2.76 34.00 3.18
N GLU A 435 -3.83 34.62 2.67
CA GLU A 435 -5.16 34.12 2.99
C GLU A 435 -5.49 32.84 2.24
N LEU A 436 -4.76 32.54 1.17
CA LEU A 436 -4.86 31.22 0.54
C LEU A 436 -4.43 30.11 1.50
N LEU A 437 -3.27 30.28 2.14
CA LEU A 437 -2.83 29.29 3.12
C LEU A 437 -3.66 29.34 4.39
N LYS A 438 -4.23 30.51 4.73
CA LYS A 438 -5.22 30.58 5.82
C LYS A 438 -6.41 29.70 5.53
N PHE A 439 -6.96 29.80 4.31
CA PHE A 439 -8.11 29.01 3.90
C PHE A 439 -7.79 27.53 3.88
N TYR A 440 -6.64 27.15 3.32
CA TYR A 440 -6.30 25.74 3.17
C TYR A 440 -5.42 25.20 4.29
N THR A 441 -5.35 25.91 5.41
CA THR A 441 -4.81 25.32 6.62
C THR A 441 -5.79 25.35 7.77
N LEU A 442 -6.54 26.44 7.94
CA LEU A 442 -7.35 26.62 9.14
C LEU A 442 -8.83 26.88 8.87
N ASP A 443 -9.25 27.07 7.63
CA ASP A 443 -10.63 27.46 7.35
C ASP A 443 -11.43 26.42 6.58
N PHE A 444 -10.85 25.81 5.55
CA PHE A 444 -11.59 24.87 4.70
C PHE A 444 -11.35 23.45 5.20
N ALA A 445 -12.43 22.67 5.28
CA ALA A 445 -12.35 21.28 5.69
C ALA A 445 -11.84 20.46 4.51
N LEU A 446 -10.61 19.98 4.62
CA LEU A 446 -9.97 19.29 3.50
C LEU A 446 -10.60 17.92 3.24
N GLU A 447 -10.96 17.19 4.29
CA GLU A 447 -11.50 15.86 4.12
C GLU A 447 -13.01 15.81 4.13
N GLU A 448 -13.65 16.69 4.91
CA GLU A 448 -15.10 16.60 5.12
C GLU A 448 -15.87 16.93 3.85
N TYR A 449 -15.36 17.87 3.05
CA TYR A 449 -16.05 18.34 1.87
C TYR A 449 -15.24 18.02 0.63
N VAL A 450 -15.92 17.54 -0.41
CA VAL A 450 -15.28 17.43 -1.71
C VAL A 450 -15.09 18.82 -2.29
N ILE A 451 -13.90 19.08 -2.83
CA ILE A 451 -13.61 20.37 -3.44
C ILE A 451 -14.38 20.45 -4.75
N CYS A 452 -15.53 21.10 -4.71
CA CYS A 452 -16.44 21.17 -5.85
C CYS A 452 -16.73 22.63 -6.18
N VAL A 453 -16.49 23.01 -7.43
CA VAL A 453 -16.62 24.39 -7.85
C VAL A 453 -17.65 24.54 -8.98
N ARG A 454 -18.41 23.46 -9.27
CA ARG A 454 -19.56 23.61 -10.16
C ARG A 454 -20.65 24.46 -9.54
N ILE A 455 -20.73 24.47 -8.21
CA ILE A 455 -21.67 25.32 -7.50
C ILE A 455 -20.93 26.01 -6.36
N GLN A 456 -21.47 27.15 -5.94
CA GLN A 456 -20.95 27.85 -4.77
C GLN A 456 -21.22 27.08 -3.50
N ASP A 457 -22.30 26.29 -3.46
CA ASP A 457 -22.70 25.56 -2.27
C ASP A 457 -21.71 24.44 -1.94
N ILE A 458 -21.76 24.01 -0.70
CA ILE A 458 -20.83 23.00 -0.19
C ILE A 458 -21.32 21.62 -0.59
N LEU A 459 -20.44 20.83 -1.19
CA LEU A 459 -20.75 19.49 -1.68
C LEU A 459 -20.01 18.46 -0.85
N THR A 460 -20.75 17.48 -0.35
CA THR A 460 -20.20 16.48 0.57
C THR A 460 -19.75 15.22 -0.18
N ARG A 461 -19.24 14.26 0.60
CA ARG A 461 -18.70 13.04 0.03
C ARG A 461 -19.80 12.13 -0.50
N GLU A 462 -20.86 11.93 0.30
CA GLU A 462 -21.94 11.05 -0.10
C GLU A 462 -22.81 11.66 -1.19
N ASN A 463 -22.74 12.98 -1.37
CA ASN A 463 -23.42 13.61 -2.50
C ASN A 463 -22.83 13.17 -3.84
N LYS A 464 -21.55 12.79 -3.85
CA LYS A 464 -20.95 12.12 -4.99
C LYS A 464 -20.54 10.68 -4.68
N ASN A 465 -21.09 10.13 -3.59
CA ASN A 465 -20.85 8.77 -3.04
C ASN A 465 -19.37 8.37 -3.06
N TRP A 466 -18.57 9.13 -2.33
CA TRP A 466 -17.14 8.93 -2.24
C TRP A 466 -16.76 8.76 -0.78
N PRO A 467 -15.63 8.10 -0.49
CA PRO A 467 -15.21 7.91 0.91
C PRO A 467 -14.87 9.21 1.61
N LYS A 468 -14.72 9.10 2.93
CA LYS A 468 -14.73 10.26 3.83
C LYS A 468 -13.56 10.21 4.80
N ARG A 469 -12.35 9.95 4.29
CA ARG A 469 -11.19 9.98 5.19
C ARG A 469 -9.98 10.67 4.59
N ARG A 470 -10.13 11.40 3.49
CA ARG A 470 -9.04 12.18 2.87
C ARG A 470 -9.68 13.22 1.96
N ILE A 471 -8.86 13.91 1.18
CA ILE A 471 -9.30 15.00 0.32
C ILE A 471 -9.87 14.42 -0.98
N ALA A 472 -11.02 14.94 -1.40
CA ALA A 472 -11.56 14.66 -2.73
C ALA A 472 -11.78 15.96 -3.47
N ILE A 473 -11.37 15.99 -4.75
CA ILE A 473 -11.61 17.08 -5.67
C ILE A 473 -12.31 16.47 -6.88
N GLU A 474 -13.11 17.26 -7.58
CA GLU A 474 -13.82 16.78 -8.76
C GLU A 474 -13.31 17.47 -10.00
N ASP A 475 -13.08 16.69 -11.04
CA ASP A 475 -12.86 17.24 -12.36
C ASP A 475 -14.14 17.92 -12.81
N PRO A 476 -14.08 19.17 -13.31
CA PRO A 476 -15.29 19.84 -13.82
C PRO A 476 -16.07 19.09 -14.89
N PHE A 477 -15.38 18.36 -15.75
CA PHE A 477 -16.00 17.69 -16.88
C PHE A 477 -15.96 16.17 -16.75
N SER A 478 -15.55 15.67 -15.59
CA SER A 478 -15.58 14.26 -15.23
C SER A 478 -16.08 14.09 -13.81
N VAL A 479 -17.27 14.62 -13.55
CA VAL A 479 -17.83 14.72 -12.20
C VAL A 479 -18.15 13.36 -11.58
N LYS A 480 -18.09 12.28 -12.35
CA LYS A 480 -18.37 10.96 -11.82
C LYS A 480 -17.23 10.46 -10.93
N ARG A 481 -15.99 10.78 -11.29
CA ARG A 481 -14.83 10.24 -10.59
C ARG A 481 -14.16 11.30 -9.74
N ASN A 482 -13.51 10.84 -8.68
CA ASN A 482 -12.70 11.69 -7.81
C ASN A 482 -11.28 11.71 -8.37
N VAL A 483 -10.80 12.91 -8.71
CA VAL A 483 -9.42 13.02 -9.19
C VAL A 483 -8.43 13.04 -8.04
N ALA A 484 -8.90 13.26 -6.81
CA ALA A 484 -8.04 13.22 -5.63
C ALA A 484 -8.12 11.88 -4.89
N ARG A 485 -8.29 10.79 -5.63
CA ARG A 485 -8.27 9.46 -5.03
C ARG A 485 -6.89 9.02 -4.56
N SER A 486 -5.83 9.70 -5.02
CA SER A 486 -4.47 9.29 -4.70
C SER A 486 -4.11 9.50 -3.23
N LEU A 487 -4.86 10.31 -2.50
CA LEU A 487 -4.71 10.38 -1.05
C LEU A 487 -5.30 9.12 -0.44
N ASN A 488 -4.45 8.30 0.17
CA ASN A 488 -4.92 7.11 0.88
C ASN A 488 -4.53 7.09 2.35
N SER A 489 -3.25 7.27 2.66
CA SER A 489 -2.77 7.08 4.02
C SER A 489 -3.11 8.28 4.90
N GLN A 490 -3.52 8.01 6.13
CA GLN A 490 -3.86 9.07 7.07
C GLN A 490 -2.61 9.82 7.53
N LEU A 491 -1.49 9.11 7.68
CA LEU A 491 -0.26 9.72 8.16
C LEU A 491 0.27 10.75 7.16
N VAL A 492 0.18 10.43 5.86
CA VAL A 492 0.58 11.37 4.82
C VAL A 492 -0.31 12.60 4.84
N TYR A 493 -1.61 12.42 5.11
CA TYR A 493 -2.54 13.53 5.24
C TYR A 493 -2.18 14.43 6.41
N GLU A 494 -1.82 13.85 7.56
CA GLU A 494 -1.46 14.66 8.71
C GLU A 494 -0.11 15.36 8.50
N TYR A 495 0.79 14.73 7.76
CA TYR A 495 2.00 15.42 7.34
C TYR A 495 1.71 16.58 6.39
N VAL A 496 0.71 16.42 5.53
CA VAL A 496 0.32 17.49 4.61
C VAL A 496 -0.25 18.68 5.39
N VAL A 497 -1.05 18.40 6.42
CA VAL A 497 -1.54 19.44 7.32
C VAL A 497 -0.37 20.08 8.06
N GLU A 498 0.66 19.28 8.40
CA GLU A 498 1.86 19.83 9.04
C GLU A 498 2.63 20.74 8.10
N ARG A 499 2.66 20.42 6.81
CA ARG A 499 3.38 21.26 5.86
C ARG A 499 2.63 22.56 5.59
N PHE A 500 1.29 22.48 5.54
CA PHE A 500 0.46 23.69 5.52
C PHE A 500 0.73 24.54 6.76
N ARG A 501 0.88 23.88 7.91
CA ARG A 501 1.19 24.55 9.15
C ARG A 501 2.54 25.25 9.10
N ALA A 502 3.56 24.57 8.56
CA ALA A 502 4.90 25.16 8.46
C ALA A 502 4.91 26.37 7.53
N ALA A 503 4.17 26.27 6.42
CA ALA A 503 4.03 27.40 5.50
C ALA A 503 3.36 28.60 6.18
N TYR A 504 2.25 28.36 6.87
CA TYR A 504 1.56 29.47 7.52
C TYR A 504 2.35 30.01 8.70
N ARG A 505 3.16 29.17 9.34
CA ARG A 505 4.00 29.61 10.44
C ARG A 505 5.11 30.53 9.96
N TYR A 506 5.77 30.16 8.86
CA TYR A 506 6.83 31.02 8.32
C TYR A 506 6.27 32.30 7.74
N PHE A 507 5.36 32.18 6.77
CA PHE A 507 5.00 33.32 5.93
C PHE A 507 4.13 34.35 6.65
N ALA A 508 3.57 34.00 7.81
CA ALA A 508 2.85 34.98 8.63
C ALA A 508 3.63 35.35 9.88
N CYS A 509 4.95 35.13 9.89
CA CYS A 509 5.81 35.59 10.96
C CYS A 509 6.76 36.64 10.43
N PRO A 510 6.86 37.81 11.07
CA PRO A 510 7.80 38.84 10.62
C PRO A 510 9.24 38.39 10.72
N GLN A 511 10.04 38.79 9.74
CA GLN A 511 11.42 38.36 9.63
C GLN A 511 12.36 39.50 10.00
N THR A 512 13.66 39.20 9.99
CA THR A 512 14.70 40.19 10.23
C THR A 512 15.77 40.04 9.16
N LYS A 513 16.45 41.15 8.87
CA LYS A 513 17.51 41.18 7.87
C LYS A 513 18.43 42.36 8.09
N GLU A 695 14.68 44.75 8.73
CA GLU A 695 14.20 44.65 7.35
C GLU A 695 13.40 43.37 7.13
N LEU A 696 12.13 43.52 6.76
CA LEU A 696 11.30 42.37 6.43
C LEU A 696 11.70 41.83 5.06
N TYR A 697 11.90 40.52 4.98
CA TYR A 697 12.23 39.88 3.72
C TYR A 697 11.89 38.40 3.82
N TYR A 698 11.34 37.85 2.73
CA TYR A 698 10.89 36.47 2.69
C TYR A 698 11.42 35.80 1.44
N VAL A 699 11.71 34.51 1.56
CA VAL A 699 12.17 33.72 0.42
C VAL A 699 11.74 32.28 0.68
N PHE A 700 11.37 31.59 -0.39
CA PHE A 700 10.85 30.23 -0.29
C PHE A 700 11.99 29.23 -0.07
N ASP A 701 12.60 29.27 1.11
CA ASP A 701 13.70 28.39 1.45
C ASP A 701 13.19 26.96 1.64
N LYS A 702 14.08 25.99 1.40
CA LYS A 702 13.75 24.58 1.61
C LYS A 702 13.55 24.28 3.09
N PHE A 703 14.46 24.77 3.94
CA PHE A 703 14.52 24.31 5.32
C PHE A 703 13.44 24.93 6.22
N ILE A 704 12.91 26.09 5.86
CA ILE A 704 11.88 26.72 6.68
C ILE A 704 10.59 25.91 6.66
N LEU A 705 10.29 25.26 5.53
CA LEU A 705 9.05 24.53 5.35
C LEU A 705 9.23 23.01 5.47
N THR A 706 10.34 22.47 4.96
CA THR A 706 10.60 21.05 5.14
C THR A 706 10.99 20.72 6.57
N SER A 707 11.55 21.68 7.30
CA SER A 707 12.05 21.55 8.68
C SER A 707 13.10 20.46 8.81
N GLY A 708 13.83 20.14 7.74
CA GLY A 708 14.78 19.06 7.72
C GLY A 708 14.17 17.68 7.57
N LYS A 709 12.90 17.50 7.88
CA LYS A 709 12.27 16.20 7.83
C LYS A 709 11.96 15.81 6.38
N PRO A 710 12.34 14.62 5.93
CA PRO A 710 11.93 14.16 4.62
C PRO A 710 10.44 13.92 4.58
N PRO A 711 9.80 14.04 3.41
CA PRO A 711 8.35 13.87 3.34
C PRO A 711 7.91 12.45 3.61
N THR A 712 6.71 12.32 4.19
CA THR A 712 6.12 11.02 4.48
C THR A 712 5.53 10.48 3.20
N ILE A 713 6.40 9.94 2.35
CA ILE A 713 5.98 9.34 1.09
C ILE A 713 5.43 7.95 1.39
N VAL A 714 4.12 7.77 1.20
CA VAL A 714 3.56 6.43 1.28
C VAL A 714 4.09 5.63 0.10
N CYS A 715 4.22 4.31 0.30
CA CYS A 715 4.83 3.43 -0.68
C CYS A 715 4.02 3.40 -1.97
N SER A 716 4.63 3.88 -3.06
CA SER A 716 3.93 4.02 -4.33
C SER A 716 3.57 2.68 -4.97
N ILE A 717 4.19 1.59 -4.52
CA ILE A 717 3.92 0.27 -5.06
C ILE A 717 2.74 -0.35 -4.35
N CYS A 718 2.86 -0.54 -3.03
CA CYS A 718 1.85 -1.28 -2.29
C CYS A 718 0.74 -0.42 -1.72
N LYS A 719 0.90 0.91 -1.73
CA LYS A 719 -0.11 1.88 -1.23
C LYS A 719 -0.46 1.64 0.25
N LYS A 720 0.48 1.11 1.01
CA LYS A 720 0.31 0.88 2.44
C LYS A 720 1.29 1.74 3.21
N ASP A 721 0.81 2.38 4.27
CA ASP A 721 1.64 3.26 5.07
C ASP A 721 2.57 2.44 5.97
N GLY A 722 3.41 3.16 6.71
CA GLY A 722 4.37 2.54 7.59
C GLY A 722 5.66 2.09 6.92
N HIS A 723 5.77 2.23 5.60
CA HIS A 723 6.99 1.84 4.90
C HIS A 723 7.06 2.64 3.61
N SER A 724 8.28 2.95 3.19
CA SER A 724 8.51 3.77 2.01
C SER A 724 8.52 2.91 0.75
N LYS A 725 8.79 3.57 -0.38
CA LYS A 725 8.90 2.86 -1.66
C LYS A 725 10.07 1.89 -1.66
N ASN A 726 11.20 2.29 -1.07
CA ASN A 726 12.33 1.38 -0.91
C ASN A 726 12.11 0.37 0.22
N ASP A 727 11.04 0.52 1.01
CA ASP A 727 10.74 -0.39 2.11
C ASP A 727 9.52 -1.25 1.81
N CYS A 728 9.18 -1.44 0.53
CA CYS A 728 8.03 -2.26 0.20
C CYS A 728 8.40 -3.73 0.23
N PRO A 729 7.76 -4.53 1.11
CA PRO A 729 8.04 -5.97 1.10
C PRO A 729 7.48 -6.67 -0.12
N GLU A 730 6.34 -6.22 -0.62
CA GLU A 730 5.71 -6.85 -1.78
C GLU A 730 6.40 -6.50 -3.09
N ASP A 731 7.35 -5.58 -3.09
CA ASP A 731 8.10 -5.25 -4.29
C ASP A 731 8.93 -6.44 -4.74
N PHE A 732 8.68 -6.91 -5.96
CA PHE A 732 9.38 -8.08 -6.49
C PHE A 732 10.85 -7.79 -6.71
N ARG A 733 11.15 -6.63 -7.30
CA ARG A 733 12.51 -6.31 -7.75
C ARG A 733 13.46 -6.12 -6.57
N LYS A 734 12.97 -5.58 -5.47
CA LYS A 734 13.83 -5.34 -4.30
C LYS A 734 14.17 -6.60 -3.53
N ILE A 735 13.85 -7.82 -3.94
CA ILE A 735 14.18 -9.01 -3.15
C ILE A 735 15.57 -9.43 -3.59
N ASP A 736 16.58 -8.71 -3.07
CA ASP A 736 17.97 -9.08 -3.31
C ASP A 736 18.83 -8.89 -2.08
N LEU A 737 18.26 -8.56 -0.91
CA LEU A 737 19.03 -8.19 0.27
C LEU A 737 19.83 -9.35 0.86
N LYS A 738 19.46 -10.59 0.55
CA LYS A 738 20.16 -11.77 1.04
C LYS A 738 20.69 -12.55 -0.15
N PRO A 739 21.89 -12.24 -0.63
CA PRO A 739 22.52 -13.10 -1.64
C PRO A 739 22.81 -14.48 -1.08
N LEU A 740 22.75 -15.48 -1.95
CA LEU A 740 22.87 -16.86 -1.52
C LEU A 740 24.27 -17.17 -1.03
N PRO A 741 24.40 -18.05 -0.04
CA PRO A 741 25.70 -18.63 0.28
C PRO A 741 26.18 -19.52 -0.85
N PRO A 742 27.49 -19.82 -0.92
CA PRO A 742 28.02 -20.62 -2.05
C PRO A 742 27.40 -22.01 -2.14
N MET A 743 27.04 -22.37 -3.37
CA MET A 743 26.24 -23.57 -3.65
C MET A 743 27.18 -24.76 -3.74
N THR A 744 27.24 -25.54 -2.67
CA THR A 744 28.00 -26.78 -2.70
C THR A 744 27.33 -27.78 -3.64
N ASN A 745 28.16 -28.60 -4.30
CA ASN A 745 27.65 -29.58 -5.25
C ASN A 745 26.78 -30.63 -4.58
N ARG A 746 27.06 -30.95 -3.31
CA ARG A 746 26.20 -31.84 -2.54
C ARG A 746 24.83 -31.23 -2.34
N PHE A 747 24.77 -29.92 -2.10
CA PHE A 747 23.50 -29.22 -2.00
C PHE A 747 22.74 -29.25 -3.33
N ARG A 748 23.48 -29.12 -4.44
CA ARG A 748 22.87 -29.24 -5.77
C ARG A 748 22.31 -30.63 -5.99
N GLU A 749 23.02 -31.66 -5.56
CA GLU A 749 22.54 -33.04 -5.66
C GLU A 749 21.29 -33.24 -4.81
N ILE A 750 21.25 -32.64 -3.62
CA ILE A 750 20.09 -32.72 -2.75
C ILE A 750 18.87 -32.08 -3.41
N LEU A 751 19.06 -30.90 -4.01
CA LEU A 751 17.98 -30.22 -4.70
C LEU A 751 17.51 -31.01 -5.93
N ASP A 752 18.46 -31.63 -6.64
CA ASP A 752 18.11 -32.47 -7.78
C ASP A 752 17.29 -33.68 -7.34
N LEU A 753 17.67 -34.31 -6.22
CA LEU A 753 16.90 -35.43 -5.69
C LEU A 753 15.49 -35.01 -5.26
N VAL A 754 15.39 -33.85 -4.61
CA VAL A 754 14.09 -33.35 -4.15
C VAL A 754 13.18 -33.04 -5.33
N CYS A 755 13.72 -32.39 -6.36
CA CYS A 755 12.93 -32.08 -7.55
C CYS A 755 12.57 -33.34 -8.33
N LYS A 756 13.47 -34.33 -8.35
CA LYS A 756 13.20 -35.56 -9.09
C LYS A 756 12.17 -36.44 -8.38
N ARG A 757 12.15 -36.43 -7.03
CA ARG A 757 11.29 -37.33 -6.28
C ARG A 757 9.82 -36.97 -6.47
N CYS A 758 9.52 -35.68 -6.66
CA CYS A 758 8.15 -35.23 -6.89
C CYS A 758 7.61 -35.78 -8.20
N PHE A 759 8.49 -36.01 -9.18
CA PHE A 759 8.03 -36.62 -10.42
C PHE A 759 7.97 -38.14 -10.31
N ASP A 760 9.03 -38.77 -9.79
CA ASP A 760 9.09 -40.23 -9.84
C ASP A 760 8.10 -40.88 -8.88
N GLU A 761 7.75 -40.21 -7.78
CA GLU A 761 6.71 -40.72 -6.91
C GLU A 761 5.32 -40.61 -7.52
N LEU A 762 5.16 -39.80 -8.57
CA LEU A 762 3.86 -39.57 -9.19
C LEU A 762 3.87 -39.89 -10.68
N SER A 763 4.89 -40.58 -11.18
CA SER A 763 4.97 -40.95 -12.58
C SER A 763 4.17 -42.22 -12.85
N PRO A 764 3.28 -42.22 -13.84
CA PRO A 764 2.49 -43.42 -14.13
C PRO A 764 3.36 -44.51 -14.73
N PRO A 765 3.11 -45.78 -14.38
CA PRO A 765 3.87 -46.88 -14.98
C PRO A 765 3.20 -47.45 -16.21
N CYS A 766 3.99 -48.23 -16.96
CA CYS A 766 3.57 -48.73 -18.27
C CYS A 766 2.41 -49.73 -18.17
N SER A 767 2.37 -50.50 -17.07
CA SER A 767 1.26 -51.42 -16.86
C SER A 767 -0.07 -50.69 -16.71
N GLU A 768 -0.04 -49.50 -16.11
CA GLU A 768 -1.24 -48.66 -16.08
C GLU A 768 -1.62 -48.20 -17.49
N GLN A 769 -0.64 -47.92 -18.34
CA GLN A 769 -0.94 -47.57 -19.73
C GLN A 769 -1.57 -48.74 -20.48
N HIS A 770 -1.09 -49.97 -20.23
CA HIS A 770 -1.69 -51.15 -20.83
C HIS A 770 -3.13 -51.34 -20.34
N ASN A 771 -3.35 -51.16 -19.03
CA ASN A 771 -4.70 -51.27 -18.48
C ASN A 771 -5.62 -50.19 -19.03
N ARG A 772 -5.11 -48.97 -19.19
CA ARG A 772 -5.93 -47.88 -19.68
C ARG A 772 -6.25 -48.03 -21.17
N GLU A 773 -5.33 -48.57 -21.96
CA GLU A 773 -5.66 -48.83 -23.36
C GLU A 773 -6.61 -50.02 -23.50
N GLN A 774 -6.55 -50.98 -22.58
CA GLN A 774 -7.53 -52.06 -22.57
C GLN A 774 -8.92 -51.54 -22.21
N ILE A 775 -9.01 -50.65 -21.21
CA ILE A 775 -10.27 -50.00 -20.87
C ILE A 775 -10.75 -49.14 -22.04
N LEU A 776 -9.80 -48.52 -22.75
CA LEU A 776 -10.12 -47.70 -23.91
C LEU A 776 -10.78 -48.50 -25.02
N ILE A 777 -10.18 -49.64 -25.39
CA ILE A 777 -10.76 -50.44 -26.46
C ILE A 777 -12.05 -51.12 -26.01
N GLY A 778 -12.15 -51.49 -24.72
CA GLY A 778 -13.38 -52.05 -24.21
C GLY A 778 -14.53 -51.05 -24.22
N LEU A 779 -14.26 -49.81 -23.81
CA LEU A 779 -15.26 -48.75 -23.84
C LEU A 779 -15.64 -48.39 -25.27
N GLU A 780 -14.66 -48.43 -26.19
CA GLU A 780 -14.95 -48.23 -27.61
C GLU A 780 -15.92 -49.27 -28.14
N LYS A 781 -15.66 -50.55 -27.81
CA LYS A 781 -16.54 -51.64 -28.23
C LYS A 781 -17.92 -51.50 -27.60
N PHE A 782 -17.97 -51.10 -26.33
CA PHE A 782 -19.25 -50.96 -25.64
C PHE A 782 -20.10 -49.84 -26.22
N ILE A 783 -19.49 -48.67 -26.46
CA ILE A 783 -20.24 -47.54 -27.03
C ILE A 783 -20.65 -47.84 -28.47
N GLN A 784 -19.79 -48.53 -29.22
CA GLN A 784 -20.14 -48.90 -30.59
C GLN A 784 -21.28 -49.90 -30.63
N LYS A 785 -21.25 -50.93 -29.77
CA LYS A 785 -22.31 -51.93 -29.78
C LYS A 785 -23.59 -51.42 -29.14
N GLU A 786 -23.52 -50.37 -28.31
CA GLU A 786 -24.71 -49.88 -27.62
C GLU A 786 -25.26 -48.61 -28.26
N TYR A 787 -24.46 -47.55 -28.34
CA TYR A 787 -24.98 -46.25 -28.78
C TYR A 787 -24.77 -46.03 -30.28
N ASP A 788 -23.52 -46.00 -30.73
CA ASP A 788 -23.25 -45.62 -32.12
C ASP A 788 -21.94 -46.25 -32.56
N GLU A 789 -21.98 -47.02 -33.65
CA GLU A 789 -20.79 -47.69 -34.16
C GLU A 789 -19.75 -46.72 -34.72
N LYS A 790 -20.15 -45.48 -35.04
CA LYS A 790 -19.21 -44.49 -35.53
C LYS A 790 -18.33 -43.90 -34.43
N ALA A 791 -18.61 -44.22 -33.16
CA ALA A 791 -17.83 -43.65 -32.07
C ALA A 791 -16.44 -44.27 -32.00
N ARG A 792 -15.42 -43.41 -32.04
CA ARG A 792 -14.03 -43.82 -31.90
C ARG A 792 -13.41 -43.01 -30.78
N LEU A 793 -12.45 -43.62 -30.09
CA LEU A 793 -11.95 -43.12 -28.82
C LEU A 793 -10.51 -42.64 -28.98
N CYS A 794 -10.18 -41.52 -28.33
CA CYS A 794 -8.83 -40.95 -28.40
C CYS A 794 -8.40 -40.54 -27.00
N LEU A 795 -7.36 -41.17 -26.45
CA LEU A 795 -6.90 -40.81 -25.12
C LEU A 795 -6.25 -39.43 -25.12
N PHE A 796 -6.59 -38.63 -24.11
CA PHE A 796 -6.01 -37.32 -23.87
C PHE A 796 -6.02 -37.09 -22.36
N GLY A 797 -5.67 -35.87 -21.94
CA GLY A 797 -5.86 -35.46 -20.56
C GLY A 797 -4.95 -36.22 -19.63
N SER A 798 -5.46 -36.53 -18.42
CA SER A 798 -4.67 -37.13 -17.35
C SER A 798 -4.06 -38.48 -17.73
N SER A 799 -4.62 -39.17 -18.72
CA SER A 799 -3.92 -40.30 -19.31
C SER A 799 -2.79 -39.86 -20.23
N LYS A 800 -2.94 -38.72 -20.94
CA LYS A 800 -2.00 -38.42 -22.02
C LYS A 800 -1.55 -36.96 -22.08
N ASN A 801 -1.75 -36.17 -21.03
CA ASN A 801 -1.26 -34.79 -21.05
C ASN A 801 0.19 -34.66 -20.59
N GLY A 802 0.76 -35.72 -20.02
CA GLY A 802 2.06 -35.65 -19.40
C GLY A 802 2.06 -35.13 -17.98
N PHE A 803 0.89 -34.78 -17.44
CA PHE A 803 0.78 -34.29 -16.07
C PHE A 803 -0.04 -35.20 -15.18
N GLY A 804 -0.63 -36.27 -15.72
CA GLY A 804 -1.36 -37.21 -14.92
C GLY A 804 -0.46 -38.16 -14.15
N PHE A 805 -1.06 -38.90 -13.24
CA PHE A 805 -0.34 -39.76 -12.31
C PHE A 805 -0.72 -41.21 -12.59
N ARG A 806 -0.34 -42.10 -11.66
CA ARG A 806 -0.55 -43.53 -11.83
C ARG A 806 -2.04 -43.87 -11.80
N ASP A 807 -2.76 -43.35 -10.81
CA ASP A 807 -4.19 -43.62 -10.65
C ASP A 807 -5.04 -42.49 -11.22
N SER A 808 -4.58 -41.85 -12.28
CA SER A 808 -5.29 -40.72 -12.86
C SER A 808 -6.52 -41.18 -13.63
N ASP A 809 -7.27 -40.21 -14.13
CA ASP A 809 -8.49 -40.48 -14.86
C ASP A 809 -8.18 -40.82 -16.32
N LEU A 810 -9.06 -41.61 -16.93
CA LEU A 810 -9.00 -41.90 -18.36
C LEU A 810 -9.82 -40.84 -19.07
N ASP A 811 -9.16 -39.77 -19.49
CA ASP A 811 -9.82 -38.72 -20.25
C ASP A 811 -9.80 -39.13 -21.72
N ILE A 812 -10.98 -39.30 -22.30
CA ILE A 812 -11.10 -39.82 -23.67
C ILE A 812 -11.95 -38.88 -24.49
N CYS A 813 -11.43 -38.49 -25.64
CA CYS A 813 -12.13 -37.70 -26.64
C CYS A 813 -12.91 -38.61 -27.58
N MET A 814 -14.12 -38.18 -27.93
CA MET A 814 -14.97 -38.89 -28.87
C MET A 814 -14.77 -38.33 -30.28
N THR A 815 -14.75 -39.22 -31.26
CA THR A 815 -14.76 -38.84 -32.66
C THR A 815 -15.83 -39.66 -33.37
N LEU A 816 -16.44 -39.07 -34.38
CA LEU A 816 -17.48 -39.73 -35.16
C LEU A 816 -17.06 -39.84 -36.60
N GLU A 817 -17.37 -40.98 -37.22
CA GLU A 817 -17.06 -41.20 -38.62
C GLU A 817 -17.90 -40.27 -39.49
N GLY A 818 -17.21 -39.51 -40.35
CA GLY A 818 -17.87 -38.53 -41.18
C GLY A 818 -18.14 -37.20 -40.50
N HIS A 819 -17.75 -37.03 -39.24
CA HIS A 819 -17.99 -35.80 -38.50
C HIS A 819 -16.67 -35.34 -37.88
N GLU A 820 -16.20 -34.17 -38.32
CA GLU A 820 -14.95 -33.62 -37.82
C GLU A 820 -15.12 -32.67 -36.66
N ASN A 821 -16.36 -32.42 -36.23
CA ASN A 821 -16.63 -31.45 -35.17
C ASN A 821 -17.91 -31.83 -34.46
N ALA A 822 -18.07 -31.27 -33.25
CA ALA A 822 -19.28 -31.49 -32.46
C ALA A 822 -20.39 -30.51 -32.80
N GLU A 823 -20.14 -29.54 -33.68
CA GLU A 823 -21.17 -28.58 -34.06
C GLU A 823 -22.28 -29.24 -34.85
N LYS A 824 -21.95 -30.23 -35.66
CA LYS A 824 -22.94 -30.98 -36.43
C LYS A 824 -23.68 -32.01 -35.60
N LEU A 825 -23.30 -32.20 -34.33
CA LEU A 825 -23.84 -33.25 -33.49
C LEU A 825 -24.67 -32.67 -32.36
N ASN A 826 -25.76 -33.36 -32.03
CA ASN A 826 -26.58 -33.00 -30.87
C ASN A 826 -25.83 -33.44 -29.63
N CYS A 827 -25.03 -32.51 -29.08
CA CYS A 827 -24.12 -32.83 -27.99
C CYS A 827 -24.87 -33.24 -26.73
N LYS A 828 -25.95 -32.54 -26.40
CA LYS A 828 -26.72 -32.85 -25.19
C LYS A 828 -27.39 -34.21 -25.29
N GLU A 829 -27.93 -34.55 -26.46
CA GLU A 829 -28.57 -35.84 -26.66
C GLU A 829 -27.56 -36.99 -26.56
N ILE A 830 -26.38 -36.82 -27.18
CA ILE A 830 -25.32 -37.81 -27.10
C ILE A 830 -24.86 -38.00 -25.66
N ILE A 831 -24.69 -36.88 -24.94
CA ILE A 831 -24.23 -36.91 -23.55
C ILE A 831 -25.23 -37.63 -22.65
N GLU A 832 -26.53 -37.30 -22.80
CA GLU A 832 -27.53 -37.91 -21.92
C GLU A 832 -27.77 -39.38 -22.26
N ASN A 833 -27.74 -39.74 -23.55
CA ASN A 833 -27.93 -41.14 -23.92
C ASN A 833 -26.73 -41.99 -23.50
N LEU A 834 -25.52 -41.44 -23.63
CA LEU A 834 -24.33 -42.14 -23.17
C LEU A 834 -24.32 -42.28 -21.65
N ALA A 835 -24.81 -41.26 -20.94
CA ALA A 835 -24.94 -41.35 -19.49
C ALA A 835 -25.92 -42.43 -19.07
N LYS A 836 -27.06 -42.52 -19.76
CA LYS A 836 -28.04 -43.58 -19.49
C LYS A 836 -27.47 -44.96 -19.77
N ILE A 837 -26.74 -45.10 -20.88
CA ILE A 837 -26.18 -46.39 -21.27
C ILE A 837 -25.08 -46.82 -20.30
N LEU A 838 -24.22 -45.87 -19.89
CA LEU A 838 -23.19 -46.19 -18.90
C LEU A 838 -23.79 -46.50 -17.53
N LYS A 839 -24.93 -45.89 -17.20
CA LYS A 839 -25.69 -46.31 -16.03
C LYS A 839 -26.19 -47.74 -16.19
N ARG A 840 -26.63 -48.11 -17.40
CA ARG A 840 -27.04 -49.48 -17.68
C ARG A 840 -25.87 -50.45 -17.70
N HIS A 841 -24.64 -49.95 -17.83
CA HIS A 841 -23.46 -50.80 -17.80
C HIS A 841 -23.19 -51.26 -16.37
N PRO A 842 -23.13 -52.56 -16.10
CA PRO A 842 -22.74 -53.02 -14.76
C PRO A 842 -21.23 -53.00 -14.50
N GLY A 843 -20.42 -52.47 -15.42
CA GLY A 843 -19.00 -52.42 -15.22
C GLY A 843 -18.43 -51.02 -15.07
N LEU A 844 -19.25 -50.01 -15.28
CA LEU A 844 -18.84 -48.61 -15.16
C LEU A 844 -19.74 -47.90 -14.18
N ARG A 845 -19.14 -47.16 -13.23
CA ARG A 845 -19.91 -46.44 -12.23
C ARG A 845 -19.58 -44.96 -12.25
N ASN A 846 -20.11 -44.21 -11.27
CA ASN A 846 -19.84 -42.79 -11.05
C ASN A 846 -20.24 -41.92 -12.25
N ILE A 847 -21.25 -42.36 -13.00
CA ILE A 847 -21.63 -41.68 -14.24
C ILE A 847 -22.38 -40.40 -13.92
N LEU A 848 -21.95 -39.29 -14.52
CA LEU A 848 -22.51 -37.97 -14.27
C LEU A 848 -22.21 -37.03 -15.44
N PRO A 849 -23.23 -36.42 -16.05
CA PRO A 849 -22.99 -35.43 -17.09
C PRO A 849 -22.62 -34.07 -16.49
N ILE A 850 -21.77 -33.34 -17.21
CA ILE A 850 -21.30 -32.02 -16.82
C ILE A 850 -21.33 -31.14 -18.07
N THR A 851 -21.91 -29.94 -17.93
CA THR A 851 -22.01 -29.02 -19.06
C THR A 851 -21.13 -27.78 -18.88
N THR A 852 -20.26 -27.76 -17.86
CA THR A 852 -19.43 -26.59 -17.60
C THR A 852 -18.15 -26.55 -18.43
N ALA A 853 -17.84 -27.62 -19.17
CA ALA A 853 -16.65 -27.66 -20.00
C ALA A 853 -16.89 -26.91 -21.31
N LYS A 854 -15.92 -27.00 -22.23
CA LYS A 854 -16.06 -26.38 -23.55
C LYS A 854 -17.19 -27.03 -24.34
N VAL A 855 -17.25 -28.35 -24.35
CA VAL A 855 -18.35 -29.13 -24.90
C VAL A 855 -18.82 -29.98 -23.73
N PRO A 856 -20.12 -30.32 -23.62
CA PRO A 856 -20.56 -31.19 -22.50
C PRO A 856 -19.88 -32.54 -22.47
N ILE A 857 -19.57 -32.98 -21.24
CA ILE A 857 -18.76 -34.15 -20.97
C ILE A 857 -19.52 -35.06 -20.02
N VAL A 858 -19.00 -36.28 -19.85
CA VAL A 858 -19.54 -37.25 -18.90
C VAL A 858 -18.37 -37.83 -18.11
N LYS A 859 -18.42 -37.70 -16.78
CA LYS A 859 -17.42 -38.33 -15.93
C LYS A 859 -17.98 -39.63 -15.37
N PHE A 860 -17.15 -40.66 -15.32
CA PHE A 860 -17.57 -41.97 -14.82
C PHE A 860 -16.38 -42.64 -14.15
N GLU A 861 -16.57 -43.90 -13.74
CA GLU A 861 -15.49 -44.69 -13.15
C GLU A 861 -15.66 -46.15 -13.53
N HIS A 862 -14.58 -46.76 -13.98
CA HIS A 862 -14.54 -48.20 -14.23
C HIS A 862 -14.52 -48.94 -12.91
N ARG A 863 -15.48 -49.86 -12.73
CA ARG A 863 -15.63 -50.56 -11.46
C ARG A 863 -14.53 -51.58 -11.23
N ARG A 864 -14.18 -52.35 -12.27
CA ARG A 864 -13.22 -53.44 -12.11
C ARG A 864 -11.82 -52.90 -11.82
N SER A 865 -11.36 -51.95 -12.63
CA SER A 865 -10.12 -51.26 -12.29
C SER A 865 -10.34 -50.20 -11.22
N GLY A 866 -11.60 -49.78 -11.01
CA GLY A 866 -11.91 -48.71 -10.07
C GLY A 866 -11.27 -47.39 -10.44
N LEU A 867 -11.18 -47.11 -11.74
CA LEU A 867 -10.43 -45.95 -12.23
C LEU A 867 -11.39 -44.90 -12.78
N GLU A 868 -11.28 -43.68 -12.28
CA GLU A 868 -12.13 -42.60 -12.76
C GLU A 868 -11.70 -42.16 -14.16
N GLY A 869 -12.61 -41.50 -14.86
CA GLY A 869 -12.33 -41.07 -16.21
C GLY A 869 -13.39 -40.10 -16.71
N ASP A 870 -13.07 -39.47 -17.83
CA ASP A 870 -13.90 -38.48 -18.48
C ASP A 870 -14.10 -38.84 -19.94
N ILE A 871 -15.25 -38.43 -20.48
CA ILE A 871 -15.59 -38.60 -21.88
C ILE A 871 -15.99 -37.22 -22.40
N SER A 872 -15.28 -36.76 -23.43
CA SER A 872 -15.44 -35.39 -23.92
C SER A 872 -15.75 -35.40 -25.41
N LEU A 873 -16.78 -34.68 -25.83
CA LEU A 873 -17.17 -34.67 -27.24
C LEU A 873 -16.53 -33.55 -28.02
N TYR A 874 -15.49 -33.85 -28.80
CA TYR A 874 -14.88 -32.83 -29.64
C TYR A 874 -14.69 -31.53 -28.88
N ASN A 875 -13.93 -31.57 -27.79
CA ASN A 875 -13.76 -30.36 -26.98
C ASN A 875 -13.38 -29.20 -27.88
N THR A 876 -14.07 -28.07 -27.72
CA THR A 876 -13.83 -26.92 -28.60
C THR A 876 -12.39 -26.41 -28.55
N LEU A 877 -11.89 -26.13 -27.35
CA LEU A 877 -10.55 -25.57 -27.23
C LEU A 877 -9.77 -26.23 -26.10
N ALA A 878 -10.42 -26.44 -24.98
CA ALA A 878 -9.75 -27.05 -23.84
C ALA A 878 -8.90 -28.24 -24.26
N GLN A 879 -9.40 -29.04 -25.20
CA GLN A 879 -8.64 -30.19 -25.68
C GLN A 879 -7.44 -29.76 -26.53
N HIS A 880 -7.60 -28.69 -27.32
CA HIS A 880 -6.46 -28.17 -28.07
C HIS A 880 -5.39 -27.59 -27.15
N ASN A 881 -5.82 -26.91 -26.07
CA ASN A 881 -4.88 -26.40 -25.09
C ASN A 881 -4.18 -27.54 -24.35
N THR A 882 -4.91 -28.61 -24.04
CA THR A 882 -4.32 -29.78 -23.41
C THR A 882 -3.33 -30.47 -24.35
N ARG A 883 -3.65 -30.51 -25.64
CA ARG A 883 -2.73 -31.08 -26.62
C ARG A 883 -1.47 -30.24 -26.76
N MET A 884 -1.61 -28.91 -26.72
CA MET A 884 -0.44 -28.03 -26.76
C MET A 884 0.43 -28.21 -25.52
N LEU A 885 -0.20 -28.35 -24.35
CA LEU A 885 0.54 -28.61 -23.12
C LEU A 885 1.23 -29.97 -23.17
N ALA A 886 0.58 -30.98 -23.75
CA ALA A 886 1.19 -32.29 -23.91
C ALA A 886 2.36 -32.25 -24.89
N THR A 887 2.24 -31.45 -25.95
CA THR A 887 3.36 -31.27 -26.89
C THR A 887 4.53 -30.58 -26.23
N TYR A 888 4.25 -29.55 -25.41
CA TYR A 888 5.29 -28.88 -24.63
C TYR A 888 5.95 -29.83 -23.64
N ALA A 889 5.16 -30.72 -23.04
CA ALA A 889 5.71 -31.76 -22.19
C ALA A 889 6.59 -32.73 -22.98
N ALA A 890 6.16 -33.11 -24.18
CA ALA A 890 6.88 -34.07 -25.01
C ALA A 890 8.16 -33.50 -25.59
N ILE A 891 8.28 -32.16 -25.69
CA ILE A 891 9.52 -31.54 -26.15
C ILE A 891 10.65 -31.82 -25.16
N ASP A 892 10.38 -31.68 -23.86
CA ASP A 892 11.40 -31.86 -22.84
C ASP A 892 10.75 -32.43 -21.58
N PRO A 893 11.19 -33.61 -21.12
CA PRO A 893 10.63 -34.18 -19.87
C PRO A 893 10.88 -33.35 -18.62
N ARG A 894 11.88 -32.46 -18.65
CA ARG A 894 12.15 -31.55 -17.55
C ARG A 894 10.97 -30.62 -17.28
N VAL A 895 10.14 -30.37 -18.29
CA VAL A 895 8.87 -29.65 -18.08
C VAL A 895 8.00 -30.41 -17.09
N GLN A 896 7.86 -31.73 -17.30
CA GLN A 896 7.08 -32.56 -16.38
C GLN A 896 7.71 -32.62 -15.00
N TYR A 897 9.05 -32.72 -14.96
CA TYR A 897 9.76 -32.78 -13.69
C TYR A 897 9.56 -31.49 -12.88
N LEU A 898 9.75 -30.33 -13.53
CA LEU A 898 9.56 -29.05 -12.85
C LEU A 898 8.10 -28.83 -12.49
N GLY A 899 7.16 -29.27 -13.33
CA GLY A 899 5.76 -29.10 -13.01
C GLY A 899 5.31 -29.94 -11.84
N TYR A 900 5.77 -31.19 -11.77
CA TYR A 900 5.45 -32.05 -10.63
C TYR A 900 6.09 -31.51 -9.36
N THR A 901 7.32 -31.00 -9.47
CA THR A 901 7.97 -30.33 -8.34
C THR A 901 7.19 -29.11 -7.90
N MET A 902 6.68 -28.33 -8.86
CA MET A 902 5.86 -27.16 -8.54
C MET A 902 4.56 -27.56 -7.86
N LYS A 903 3.92 -28.64 -8.32
CA LYS A 903 2.68 -29.11 -7.71
C LYS A 903 2.90 -29.54 -6.27
N VAL A 904 3.94 -30.33 -6.03
CA VAL A 904 4.21 -30.82 -4.68
C VAL A 904 4.65 -29.67 -3.76
N PHE A 905 5.49 -28.77 -4.27
CA PHE A 905 5.96 -27.64 -3.48
C PHE A 905 4.84 -26.65 -3.20
N ALA A 906 3.91 -26.49 -4.13
CA ALA A 906 2.72 -25.69 -3.87
C ALA A 906 1.83 -26.37 -2.84
N LYS A 907 1.77 -27.71 -2.87
CA LYS A 907 0.99 -28.44 -1.89
C LYS A 907 1.55 -28.28 -0.48
N ARG A 908 2.87 -28.35 -0.34
CA ARG A 908 3.46 -28.17 0.99
C ARG A 908 3.47 -26.71 1.42
N CYS A 909 3.32 -25.77 0.48
CA CYS A 909 3.25 -24.35 0.81
C CYS A 909 1.82 -23.82 0.79
N ASP A 910 0.82 -24.72 0.95
CA ASP A 910 -0.60 -24.41 1.10
C ASP A 910 -1.20 -23.75 -0.14
N ILE A 911 -0.56 -23.89 -1.30
CA ILE A 911 -1.03 -23.25 -2.52
C ILE A 911 -1.15 -24.27 -3.66
N GLY A 912 -1.53 -25.51 -3.32
CA GLY A 912 -1.39 -26.64 -4.24
C GLY A 912 -2.15 -26.52 -5.54
N ASP A 913 -3.39 -26.04 -5.49
CA ASP A 913 -4.22 -26.00 -6.68
C ASP A 913 -5.29 -24.92 -6.53
N ALA A 914 -5.99 -24.64 -7.63
CA ALA A 914 -7.11 -23.72 -7.61
C ALA A 914 -8.30 -24.24 -6.81
N SER A 915 -8.35 -25.54 -6.53
CA SER A 915 -9.35 -26.09 -5.62
C SER A 915 -9.15 -25.59 -4.19
N ARG A 916 -7.96 -25.13 -3.85
CA ARG A 916 -7.68 -24.52 -2.55
C ARG A 916 -7.60 -22.99 -2.65
N GLY A 917 -8.05 -22.41 -3.76
CA GLY A 917 -8.08 -20.97 -3.93
C GLY A 917 -6.85 -20.36 -4.55
N SER A 918 -5.81 -21.14 -4.79
CA SER A 918 -4.54 -20.65 -5.29
C SER A 918 -4.51 -20.73 -6.82
N LEU A 919 -3.32 -20.63 -7.40
CA LEU A 919 -3.14 -20.94 -8.81
C LEU A 919 -3.40 -22.41 -9.07
N SER A 920 -3.99 -22.70 -10.22
CA SER A 920 -4.23 -24.07 -10.62
C SER A 920 -2.92 -24.75 -11.00
N SER A 921 -2.94 -26.08 -10.98
CA SER A 921 -1.82 -26.85 -11.53
C SER A 921 -1.64 -26.58 -13.02
N TYR A 922 -2.73 -26.29 -13.74
CA TYR A 922 -2.64 -25.82 -15.11
C TYR A 922 -1.93 -24.48 -15.17
N ALA A 923 -2.26 -23.56 -14.26
CA ALA A 923 -1.56 -22.28 -14.17
C ALA A 923 -0.12 -22.47 -13.74
N TYR A 924 0.14 -23.47 -12.90
CA TYR A 924 1.50 -23.80 -12.50
C TYR A 924 2.32 -24.28 -13.70
N ILE A 925 1.74 -25.14 -14.54
CA ILE A 925 2.40 -25.59 -15.76
C ILE A 925 2.63 -24.41 -16.71
N LEU A 926 1.64 -23.51 -16.79
CA LEU A 926 1.76 -22.35 -17.68
C LEU A 926 2.88 -21.41 -17.23
N MET A 927 3.01 -21.16 -15.93
CA MET A 927 4.09 -20.30 -15.46
C MET A 927 5.44 -21.01 -15.52
N VAL A 928 5.44 -22.35 -15.42
CA VAL A 928 6.67 -23.12 -15.65
C VAL A 928 7.14 -22.95 -17.09
N LEU A 929 6.21 -23.10 -18.05
CA LEU A 929 6.54 -22.94 -19.45
C LEU A 929 6.96 -21.51 -19.77
N TYR A 930 6.33 -20.53 -19.10
CA TYR A 930 6.73 -19.14 -19.26
C TYR A 930 8.13 -18.90 -18.72
N PHE A 931 8.49 -19.53 -17.60
CA PHE A 931 9.86 -19.44 -17.10
C PHE A 931 10.85 -20.06 -18.08
N LEU A 932 10.50 -21.21 -18.66
CA LEU A 932 11.37 -21.87 -19.62
C LEU A 932 11.53 -21.03 -20.88
N GLN A 933 10.49 -20.27 -21.26
CA GLN A 933 10.63 -19.29 -22.33
C GLN A 933 11.55 -18.14 -21.91
N GLN A 934 11.32 -17.58 -20.71
CA GLN A 934 12.10 -16.43 -20.26
C GLN A 934 13.51 -16.81 -19.86
N ARG A 935 13.77 -18.07 -19.53
CA ARG A 935 15.13 -18.54 -19.28
C ARG A 935 15.83 -18.63 -20.63
N LYS A 936 16.40 -17.50 -21.04
CA LYS A 936 17.05 -17.41 -22.34
C LYS A 936 18.40 -18.14 -22.30
N PRO A 937 18.73 -18.98 -23.30
CA PRO A 937 17.98 -19.38 -24.51
C PRO A 937 16.75 -20.24 -24.21
N PRO A 938 15.58 -19.83 -24.77
CA PRO A 938 14.28 -20.35 -24.30
C PRO A 938 14.15 -21.85 -24.34
N VAL A 939 13.96 -22.44 -23.16
CA VAL A 939 13.96 -23.90 -23.00
C VAL A 939 12.75 -24.51 -23.71
N ILE A 940 11.63 -23.79 -23.75
CA ILE A 940 10.52 -24.21 -24.60
C ILE A 940 10.24 -23.06 -25.57
N PRO A 941 9.84 -23.36 -26.82
CA PRO A 941 9.52 -22.28 -27.76
C PRO A 941 8.08 -21.82 -27.66
N VAL A 942 7.66 -20.94 -28.56
CA VAL A 942 6.28 -20.49 -28.67
C VAL A 942 5.67 -21.16 -29.89
N LEU A 943 4.70 -22.03 -29.66
CA LEU A 943 4.04 -22.71 -30.78
C LEU A 943 3.16 -21.76 -31.58
N GLN A 944 2.54 -20.78 -30.90
CA GLN A 944 1.72 -19.80 -31.60
C GLN A 944 2.56 -18.86 -32.45
N GLU A 945 3.83 -18.67 -32.11
CA GLU A 945 4.73 -17.88 -32.95
C GLU A 945 5.31 -18.68 -34.11
N ILE A 946 5.09 -19.99 -34.15
CA ILE A 946 5.57 -20.82 -35.25
C ILE A 946 4.44 -21.10 -36.23
N THR A 982 20.67 -25.75 -20.73
CA THR A 982 21.03 -27.04 -20.18
C THR A 982 21.22 -26.97 -18.67
N GLU A 983 20.37 -26.17 -18.02
CA GLU A 983 20.44 -26.03 -16.57
C GLU A 983 19.96 -27.31 -15.89
N SER A 984 20.61 -27.67 -14.78
CA SER A 984 20.22 -28.84 -14.02
C SER A 984 18.87 -28.63 -13.35
N LEU A 985 18.22 -29.74 -13.03
CA LEU A 985 16.80 -29.77 -12.68
C LEU A 985 16.51 -29.02 -11.38
N GLY A 986 17.28 -29.33 -10.33
CA GLY A 986 17.13 -28.59 -9.08
C GLY A 986 17.47 -27.12 -9.24
N GLU A 987 18.51 -26.83 -10.01
CA GLU A 987 18.83 -25.44 -10.31
C GLU A 987 17.79 -24.82 -11.24
N LEU A 988 17.15 -25.61 -12.10
CA LEU A 988 16.06 -25.10 -12.91
C LEU A 988 14.88 -24.67 -12.05
N TRP A 989 14.52 -25.49 -11.05
CA TRP A 989 13.42 -25.13 -10.16
C TRP A 989 13.79 -23.98 -9.24
N LEU A 990 15.04 -23.96 -8.74
CA LEU A 990 15.50 -22.85 -7.93
C LEU A 990 15.59 -21.57 -8.75
N GLY A 991 15.97 -21.68 -10.03
CA GLY A 991 15.96 -20.52 -10.90
C GLY A 991 14.57 -20.07 -11.26
N LEU A 992 13.60 -20.98 -11.27
CA LEU A 992 12.20 -20.58 -11.39
C LEU A 992 11.78 -19.76 -10.18
N LEU A 993 12.16 -20.21 -8.98
CA LEU A 993 11.89 -19.44 -7.77
C LEU A 993 12.61 -18.08 -7.79
N ARG A 994 13.84 -18.07 -8.29
CA ARG A 994 14.62 -16.83 -8.40
C ARG A 994 14.00 -15.88 -9.42
N PHE A 995 13.53 -16.41 -10.55
CA PHE A 995 12.89 -15.59 -11.57
C PHE A 995 11.57 -15.03 -11.07
N TYR A 996 10.78 -15.85 -10.39
CA TYR A 996 9.48 -15.41 -9.92
C TYR A 996 9.56 -14.71 -8.56
N THR A 997 10.76 -14.52 -8.01
CA THR A 997 10.92 -13.54 -6.93
C THR A 997 11.29 -12.16 -7.46
N GLU A 998 12.40 -12.07 -8.19
CA GLU A 998 12.98 -10.76 -8.46
C GLU A 998 13.28 -10.48 -9.92
N GLU A 999 13.56 -11.51 -10.72
CA GLU A 999 13.85 -11.29 -12.13
C GLU A 999 12.61 -10.96 -12.95
N PHE A 1000 11.42 -11.09 -12.37
CA PHE A 1000 10.17 -10.86 -13.08
C PHE A 1000 9.28 -9.94 -12.25
N ASP A 1001 8.51 -9.11 -12.94
CA ASP A 1001 7.54 -8.23 -12.30
C ASP A 1001 6.14 -8.70 -12.70
N PHE A 1002 5.34 -9.08 -11.70
CA PHE A 1002 3.99 -9.55 -11.95
C PHE A 1002 3.03 -8.40 -12.24
N LYS A 1003 3.20 -7.27 -11.57
CA LYS A 1003 2.33 -6.12 -11.78
C LYS A 1003 2.68 -5.35 -13.05
N GLU A 1004 3.84 -5.62 -13.64
CA GLU A 1004 4.29 -4.88 -14.81
C GLU A 1004 4.34 -5.74 -16.08
N TYR A 1005 4.59 -7.04 -15.95
CA TYR A 1005 4.65 -7.93 -17.10
C TYR A 1005 3.62 -9.04 -16.98
N VAL A 1006 3.37 -9.72 -18.10
CA VAL A 1006 2.34 -10.75 -18.20
C VAL A 1006 3.03 -12.11 -18.34
N ILE A 1007 2.62 -13.06 -17.51
CA ILE A 1007 3.01 -14.47 -17.66
C ILE A 1007 2.15 -15.05 -18.78
N SER A 1008 2.66 -15.04 -20.01
CA SER A 1008 1.92 -15.60 -21.12
C SER A 1008 2.89 -16.07 -22.19
N ILE A 1009 2.42 -16.99 -23.02
CA ILE A 1009 3.29 -17.73 -23.92
C ILE A 1009 3.37 -17.08 -25.29
N ARG A 1010 2.23 -16.56 -25.79
CA ARG A 1010 1.98 -16.14 -27.18
C ARG A 1010 3.09 -15.32 -27.86
N GLN A 1011 3.76 -14.45 -27.12
CA GLN A 1011 4.81 -13.60 -27.68
C GLN A 1011 6.13 -13.84 -26.96
N LYS A 1012 7.22 -13.75 -27.71
CA LYS A 1012 8.55 -13.81 -27.10
C LYS A 1012 8.87 -12.51 -26.36
N LYS A 1013 8.18 -11.43 -26.70
CA LYS A 1013 8.35 -10.14 -26.03
C LYS A 1013 7.93 -10.24 -24.57
N LEU A 1014 8.60 -9.45 -23.73
CA LEU A 1014 8.16 -9.30 -22.34
C LEU A 1014 6.86 -8.52 -22.37
N LEU A 1015 5.75 -9.25 -22.43
CA LEU A 1015 4.43 -8.67 -22.62
C LEU A 1015 4.01 -7.91 -21.37
N THR A 1016 3.89 -6.59 -21.50
CA THR A 1016 3.58 -5.78 -20.33
C THR A 1016 2.11 -5.93 -19.94
N THR A 1017 1.84 -5.71 -18.65
CA THR A 1017 0.46 -5.62 -18.18
C THR A 1017 -0.25 -4.42 -18.79
N PHE A 1018 0.50 -3.37 -19.12
CA PHE A 1018 -0.06 -2.21 -19.80
C PHE A 1018 -0.50 -2.56 -21.23
N GLU A 1019 0.21 -3.51 -21.87
CA GLU A 1019 -0.21 -3.98 -23.18
C GLU A 1019 -1.55 -4.71 -23.13
N LYS A 1020 -1.76 -5.52 -22.10
CA LYS A 1020 -2.95 -6.34 -21.99
C LYS A 1020 -3.98 -5.78 -21.03
N GLN A 1021 -3.74 -4.58 -20.47
CA GLN A 1021 -4.65 -3.85 -19.59
C GLN A 1021 -5.00 -4.61 -18.31
N TRP A 1022 -4.14 -5.52 -17.87
CA TRP A 1022 -4.37 -6.27 -16.64
C TRP A 1022 -3.68 -5.62 -15.44
N THR A 1023 -3.35 -4.33 -15.53
CA THR A 1023 -2.79 -3.61 -14.40
C THR A 1023 -3.78 -3.52 -13.24
N SER A 1024 -5.09 -3.54 -13.54
CA SER A 1024 -6.10 -3.57 -12.50
C SER A 1024 -6.13 -4.88 -11.72
N LYS A 1025 -5.59 -5.95 -12.30
CA LYS A 1025 -5.54 -7.25 -11.65
C LYS A 1025 -4.15 -7.51 -11.09
N CYS A 1026 -4.10 -8.44 -10.12
CA CYS A 1026 -2.89 -8.67 -9.34
C CYS A 1026 -1.77 -9.27 -10.17
N ILE A 1027 -1.98 -10.51 -10.62
CA ILE A 1027 -0.99 -11.24 -11.39
C ILE A 1027 -1.56 -11.48 -12.78
N ALA A 1028 -0.76 -11.20 -13.80
CA ALA A 1028 -1.18 -11.41 -15.18
C ALA A 1028 -0.55 -12.71 -15.68
N ILE A 1029 -1.16 -13.82 -15.30
CA ILE A 1029 -0.76 -15.13 -15.81
C ILE A 1029 -1.81 -15.55 -16.84
N GLU A 1030 -1.53 -15.25 -18.10
CA GLU A 1030 -2.52 -15.30 -19.17
C GLU A 1030 -2.28 -16.53 -20.03
N ASP A 1031 -3.34 -17.24 -20.33
CA ASP A 1031 -3.26 -18.36 -21.25
C ASP A 1031 -2.98 -17.87 -22.66
N PRO A 1032 -2.08 -18.52 -23.40
CA PRO A 1032 -1.82 -18.12 -24.79
C PRO A 1032 -3.02 -18.24 -25.71
N PHE A 1033 -3.95 -19.15 -25.43
CA PHE A 1033 -5.17 -19.29 -26.22
C PHE A 1033 -6.38 -18.67 -25.54
N ASP A 1034 -6.57 -18.93 -24.25
CA ASP A 1034 -7.74 -18.41 -23.52
C ASP A 1034 -7.46 -16.97 -23.11
N LEU A 1035 -7.75 -16.05 -24.04
CA LEU A 1035 -7.55 -14.63 -23.79
C LEU A 1035 -8.71 -13.98 -23.06
N ASN A 1036 -9.79 -14.72 -22.82
CA ASN A 1036 -11.00 -14.13 -22.22
C ASN A 1036 -10.77 -13.73 -20.78
N HIS A 1037 -10.23 -14.64 -19.97
CA HIS A 1037 -9.99 -14.38 -18.56
C HIS A 1037 -8.53 -14.69 -18.24
N ASN A 1038 -7.84 -13.70 -17.70
CA ASN A 1038 -6.54 -13.92 -17.09
C ASN A 1038 -6.70 -14.86 -15.91
N LEU A 1039 -5.82 -15.86 -15.81
CA LEU A 1039 -5.95 -16.85 -14.74
C LEU A 1039 -5.69 -16.23 -13.39
N GLY A 1040 -4.76 -15.26 -13.34
CA GLY A 1040 -4.54 -14.49 -12.14
C GLY A 1040 -5.59 -13.43 -11.88
N ALA A 1041 -6.44 -13.13 -12.87
CA ALA A 1041 -7.57 -12.25 -12.62
C ALA A 1041 -8.64 -12.92 -11.78
N GLY A 1042 -8.59 -14.25 -11.64
CA GLY A 1042 -9.33 -14.99 -10.65
C GLY A 1042 -8.60 -15.20 -9.34
N VAL A 1043 -7.36 -14.73 -9.22
CA VAL A 1043 -6.51 -15.00 -8.06
C VAL A 1043 -6.24 -13.67 -7.34
N SER A 1044 -6.40 -13.68 -6.03
CA SER A 1044 -6.29 -12.46 -5.24
C SER A 1044 -4.84 -12.00 -5.10
N ARG A 1045 -4.68 -10.71 -4.78
CA ARG A 1045 -3.34 -10.17 -4.53
C ARG A 1045 -2.78 -10.62 -3.19
N LYS A 1046 -3.64 -10.98 -2.23
CA LYS A 1046 -3.11 -11.57 -1.01
C LYS A 1046 -2.66 -13.00 -1.26
N MET A 1047 -3.34 -13.71 -2.17
CA MET A 1047 -2.79 -14.97 -2.66
C MET A 1047 -1.51 -14.77 -3.46
N THR A 1048 -1.40 -13.63 -4.17
CA THR A 1048 -0.14 -13.28 -4.83
C THR A 1048 0.97 -13.06 -3.80
N ASN A 1049 0.65 -12.40 -2.68
CA ASN A 1049 1.61 -12.24 -1.59
C ASN A 1049 1.98 -13.58 -0.97
N PHE A 1050 1.01 -14.48 -0.84
CA PHE A 1050 1.27 -15.80 -0.30
C PHE A 1050 2.20 -16.62 -1.20
N ILE A 1051 1.95 -16.60 -2.51
CA ILE A 1051 2.81 -17.36 -3.42
C ILE A 1051 4.17 -16.68 -3.55
N MET A 1052 4.22 -15.34 -3.39
CA MET A 1052 5.51 -14.65 -3.34
C MET A 1052 6.29 -15.04 -2.10
N LYS A 1053 5.62 -15.19 -0.97
CA LYS A 1053 6.25 -15.68 0.24
C LYS A 1053 6.75 -17.11 0.05
N ALA A 1054 5.98 -17.93 -0.68
CA ALA A 1054 6.42 -19.29 -1.00
C ALA A 1054 7.66 -19.28 -1.89
N PHE A 1055 7.72 -18.36 -2.87
CA PHE A 1055 8.91 -18.24 -3.72
C PHE A 1055 10.12 -17.78 -2.93
N ILE A 1056 9.92 -16.82 -2.01
CA ILE A 1056 11.00 -16.34 -1.15
C ILE A 1056 11.48 -17.45 -0.22
N ASN A 1057 10.55 -18.26 0.29
CA ASN A 1057 10.90 -19.42 1.10
C ASN A 1057 11.69 -20.44 0.29
N GLY A 1058 11.31 -20.66 -0.97
CA GLY A 1058 12.11 -21.49 -1.86
C GLY A 1058 13.50 -20.93 -2.10
N ARG A 1059 13.63 -19.61 -2.11
CA ARG A 1059 14.96 -19.01 -2.13
C ARG A 1059 15.70 -19.24 -0.81
N LYS A 1060 14.98 -19.30 0.30
CA LYS A 1060 15.61 -19.47 1.61
C LYS A 1060 15.64 -20.93 2.09
N LEU A 1061 14.46 -21.54 2.26
CA LEU A 1061 14.40 -22.89 2.81
C LEU A 1061 14.92 -23.91 1.80
N PHE A 1062 14.54 -23.76 0.54
CA PHE A 1062 15.02 -24.64 -0.51
C PHE A 1062 16.34 -24.15 -1.12
N GLY A 1063 16.58 -22.84 -1.12
CA GLY A 1063 17.75 -22.31 -1.79
C GLY A 1063 19.00 -22.17 -0.96
N THR A 1064 18.89 -22.26 0.36
CA THR A 1064 20.13 -22.19 1.13
C THR A 1064 20.56 -23.58 1.58
N PRO A 1065 21.87 -23.84 1.61
CA PRO A 1065 22.36 -25.19 1.93
C PRO A 1065 21.99 -25.70 3.32
N PHE A 1066 21.63 -26.98 3.37
CA PHE A 1066 21.28 -27.71 4.58
C PHE A 1066 21.39 -29.20 4.24
N TYR A 1067 21.67 -30.00 5.25
CA TYR A 1067 21.86 -31.44 5.08
C TYR A 1067 20.97 -32.20 6.05
N PRO A 1068 19.68 -32.37 5.71
CA PRO A 1068 18.77 -33.11 6.61
C PRO A 1068 18.83 -34.62 6.37
N LEU A 1069 17.91 -35.34 7.02
CA LEU A 1069 17.88 -36.81 6.95
C LEU A 1069 17.51 -37.28 5.55
N ILE A 1070 18.00 -38.47 5.20
CA ILE A 1070 17.75 -39.06 3.89
C ILE A 1070 16.28 -39.40 3.74
N GLY A 1071 15.67 -38.90 2.67
CA GLY A 1071 14.23 -38.97 2.47
C GLY A 1071 13.47 -37.83 3.11
N ARG A 1072 14.04 -37.20 4.14
CA ARG A 1072 13.46 -36.07 4.85
C ARG A 1072 13.88 -34.73 4.25
N GLU A 1073 14.57 -34.74 3.10
CA GLU A 1073 15.01 -33.47 2.51
C GLU A 1073 13.84 -32.64 2.02
N ALA A 1074 12.95 -33.23 1.23
CA ALA A 1074 11.76 -32.50 0.77
C ALA A 1074 10.80 -32.22 1.91
N GLU A 1075 10.71 -33.15 2.87
CA GLU A 1075 9.86 -32.95 4.04
C GLU A 1075 10.35 -31.79 4.89
N TYR A 1076 11.67 -31.65 5.02
CA TYR A 1076 12.26 -30.48 5.67
C TYR A 1076 11.98 -29.22 4.86
N PHE A 1077 11.96 -29.34 3.54
CA PHE A 1077 11.56 -28.24 2.67
C PHE A 1077 10.05 -28.04 2.75
N PRO B 35 29.25 -19.31 51.06
CA PRO B 35 30.21 -18.23 51.33
C PRO B 35 31.21 -18.61 52.42
N GLN B 36 31.92 -17.61 52.94
CA GLN B 36 32.88 -17.85 54.01
C GLN B 36 32.15 -18.23 55.29
N LEU B 37 32.82 -19.04 56.11
CA LEU B 37 32.20 -19.62 57.31
C LEU B 37 31.89 -18.59 58.38
N LEU B 38 32.56 -17.44 58.35
CA LEU B 38 32.30 -16.37 59.32
C LEU B 38 31.01 -15.63 58.93
N HIS B 39 29.89 -16.27 59.20
CA HIS B 39 28.57 -15.74 58.89
C HIS B 39 28.08 -14.86 60.04
N GLY B 40 26.82 -14.45 59.96
CA GLY B 40 26.20 -13.70 61.04
C GLY B 40 24.90 -13.09 60.60
N ALA B 41 24.17 -12.58 61.59
CA ALA B 41 22.90 -11.92 61.35
C ALA B 41 22.64 -10.91 62.45
N GLY B 42 21.74 -9.97 62.18
CA GLY B 42 21.40 -8.99 63.20
C GLY B 42 20.58 -7.85 62.64
N ILE B 43 20.72 -6.68 63.27
CA ILE B 43 20.00 -5.48 62.85
C ILE B 43 21.03 -4.42 62.47
N CYS B 44 20.53 -3.35 61.85
CA CYS B 44 21.40 -2.26 61.38
C CYS B 44 21.41 -1.17 62.44
N LYS B 45 22.54 -1.01 63.12
CA LYS B 45 22.66 0.02 64.14
C LYS B 45 22.69 1.41 63.52
N TRP B 46 23.55 1.62 62.53
CA TRP B 46 23.59 2.90 61.82
C TRP B 46 24.19 2.70 60.44
N PHE B 47 23.78 3.55 59.50
CA PHE B 47 24.34 3.55 58.16
C PHE B 47 24.13 4.91 57.54
N ASN B 48 25.21 5.48 56.99
CA ASN B 48 25.18 6.76 56.31
C ASN B 48 24.88 6.53 54.83
N VAL B 49 23.87 7.23 54.32
CA VAL B 49 23.56 7.12 52.89
C VAL B 49 24.59 7.85 52.04
N ARG B 50 25.01 9.05 52.49
CA ARG B 50 25.82 9.96 51.67
C ARG B 50 27.22 9.40 51.41
N MET B 51 27.89 8.89 52.44
CA MET B 51 29.23 8.36 52.26
C MET B 51 29.28 6.84 52.16
N GLY B 52 28.29 6.13 52.73
CA GLY B 52 28.10 4.73 52.42
C GLY B 52 28.77 3.71 53.32
N PHE B 53 28.75 3.93 54.63
CA PHE B 53 29.17 2.88 55.56
C PHE B 53 28.45 3.08 56.89
N GLY B 54 28.66 2.12 57.78
CA GLY B 54 27.95 2.13 59.04
C GLY B 54 28.38 0.96 59.89
N PHE B 55 27.57 0.67 60.90
CA PHE B 55 27.78 -0.47 61.78
C PHE B 55 26.48 -1.19 62.02
N LEU B 56 26.57 -2.51 62.19
CA LEU B 56 25.45 -3.40 62.45
C LEU B 56 25.58 -3.99 63.84
N SER B 57 24.44 -4.14 64.52
CA SER B 57 24.35 -4.88 65.78
C SER B 57 24.15 -6.34 65.43
N MET B 58 25.23 -7.12 65.54
CA MET B 58 25.19 -8.54 65.23
C MET B 58 24.72 -9.34 66.44
N THR B 59 23.61 -10.05 66.25
CA THR B 59 23.11 -11.00 67.26
C THR B 59 23.56 -12.42 67.00
N ALA B 60 24.17 -12.68 65.84
CA ALA B 60 24.68 -14.01 65.49
C ALA B 60 26.09 -13.87 64.96
N ARG B 61 26.95 -14.83 65.32
CA ARG B 61 28.33 -14.87 64.84
C ARG B 61 28.61 -16.27 64.32
N ALA B 62 28.91 -16.36 63.01
CA ALA B 62 29.20 -17.61 62.29
C ALA B 62 28.08 -18.64 62.46
N GLY B 63 26.84 -18.17 62.45
CA GLY B 63 25.70 -19.03 62.65
C GLY B 63 25.38 -19.37 64.08
N VAL B 64 26.07 -18.75 65.05
CA VAL B 64 25.85 -19.00 66.47
C VAL B 64 25.35 -17.70 67.09
N ALA B 65 24.22 -17.78 67.80
CA ALA B 65 23.58 -16.62 68.38
C ALA B 65 24.42 -16.02 69.51
N LEU B 66 24.26 -14.72 69.73
CA LEU B 66 25.07 -13.96 70.67
C LEU B 66 24.20 -13.28 71.71
N ASP B 67 24.77 -13.10 72.90
CA ASP B 67 24.16 -12.36 74.00
C ASP B 67 25.27 -11.81 74.88
N PRO B 68 25.53 -10.49 74.87
CA PRO B 68 24.89 -9.39 74.13
C PRO B 68 25.34 -9.28 72.67
N PRO B 69 24.56 -8.59 71.83
CA PRO B 69 24.99 -8.32 70.46
C PRO B 69 26.23 -7.44 70.40
N VAL B 70 26.99 -7.58 69.31
CA VAL B 70 28.23 -6.83 69.14
C VAL B 70 28.08 -5.87 67.96
N ASP B 71 29.13 -5.11 67.68
CA ASP B 71 29.13 -4.14 66.59
C ASP B 71 30.08 -4.60 65.49
N VAL B 72 29.59 -4.63 64.25
CA VAL B 72 30.38 -5.08 63.11
C VAL B 72 30.27 -4.03 62.00
N PHE B 73 31.41 -3.66 61.42
CA PHE B 73 31.43 -2.64 60.39
C PHE B 73 30.80 -3.14 59.10
N VAL B 74 30.14 -2.21 58.39
CA VAL B 74 29.54 -2.49 57.09
C VAL B 74 29.84 -1.29 56.20
N HIS B 75 30.05 -1.55 54.92
CA HIS B 75 30.24 -0.52 53.90
C HIS B 75 29.21 -0.79 52.81
N GLN B 76 28.97 0.22 51.95
CA GLN B 76 28.02 0.06 50.86
C GLN B 76 28.45 -1.00 49.86
N SER B 77 29.76 -1.16 49.64
CA SER B 77 30.26 -2.19 48.74
C SER B 77 30.02 -3.59 49.28
N LYS B 78 29.95 -3.72 50.61
CA LYS B 78 29.60 -5.01 51.22
C LYS B 78 28.16 -5.40 50.96
N LEU B 79 27.30 -4.43 50.69
CA LEU B 79 25.90 -4.70 50.37
C LEU B 79 25.82 -5.28 48.98
N HIS B 80 25.41 -6.54 48.87
CA HIS B 80 25.37 -7.23 47.58
C HIS B 80 24.11 -6.80 46.83
N MET B 81 24.16 -5.58 46.28
CA MET B 81 23.06 -5.02 45.51
C MET B 81 23.63 -4.25 44.33
N GLU B 82 22.76 -3.97 43.37
CA GLU B 82 23.11 -3.14 42.22
C GLU B 82 22.75 -1.69 42.50
N GLY B 83 23.47 -0.77 41.86
CA GLY B 83 23.23 0.65 42.05
C GLY B 83 23.88 1.18 43.32
N PHE B 84 23.41 2.34 43.74
CA PHE B 84 23.93 3.02 44.93
C PHE B 84 23.38 2.31 46.16
N ARG B 85 24.16 1.35 46.67
CA ARG B 85 23.74 0.53 47.79
C ARG B 85 23.73 1.33 49.09
N SER B 86 22.70 1.09 49.91
CA SER B 86 22.53 1.79 51.17
C SER B 86 21.70 0.93 52.11
N LEU B 87 21.73 1.27 53.40
CA LEU B 87 21.03 0.53 54.43
C LEU B 87 20.16 1.47 55.26
N LYS B 88 18.99 0.97 55.65
CA LYS B 88 18.14 1.65 56.61
C LYS B 88 18.59 1.27 58.01
N GLU B 89 18.79 2.27 58.86
CA GLU B 89 19.09 2.00 60.26
C GLU B 89 17.90 1.35 60.94
N GLY B 90 18.15 0.25 61.64
CA GLY B 90 17.12 -0.48 62.34
C GLY B 90 16.54 -1.69 61.63
N GLU B 91 16.94 -1.95 60.38
CA GLU B 91 16.40 -3.09 59.64
C GLU B 91 17.28 -4.32 59.82
N ALA B 92 16.68 -5.49 59.64
CA ALA B 92 17.37 -6.75 59.81
C ALA B 92 18.25 -7.05 58.60
N VAL B 93 19.40 -7.68 58.85
CA VAL B 93 20.38 -8.01 57.81
C VAL B 93 21.03 -9.34 58.13
N GLU B 94 21.45 -10.05 57.07
CA GLU B 94 22.24 -11.26 57.17
C GLU B 94 23.54 -11.07 56.39
N PHE B 95 24.66 -11.47 56.99
CA PHE B 95 25.95 -11.08 56.47
C PHE B 95 26.97 -12.20 56.68
N THR B 96 28.08 -12.07 55.97
CA THR B 96 29.32 -12.76 56.24
C THR B 96 30.35 -11.72 56.63
N PHE B 97 31.08 -11.96 57.71
CA PHE B 97 31.94 -10.93 58.30
C PHE B 97 33.39 -11.37 58.36
N LYS B 98 34.23 -10.46 58.84
CA LYS B 98 35.63 -10.72 59.10
C LYS B 98 36.10 -9.84 60.25
N LYS B 99 37.23 -10.22 60.84
CA LYS B 99 37.86 -9.44 61.90
C LYS B 99 39.07 -8.71 61.33
N SER B 100 39.20 -7.42 61.65
CA SER B 100 40.29 -6.60 61.14
C SER B 100 40.92 -5.84 62.31
N ALA B 101 41.88 -4.98 61.97
CA ALA B 101 42.57 -4.18 62.99
C ALA B 101 41.63 -3.15 63.62
N LYS B 102 40.76 -2.54 62.81
CA LYS B 102 39.80 -1.57 63.32
C LYS B 102 38.63 -2.21 64.04
N GLY B 103 38.42 -3.52 63.88
CA GLY B 103 37.34 -4.25 64.49
C GLY B 103 36.66 -5.17 63.50
N LEU B 104 35.48 -5.66 63.88
CA LEU B 104 34.75 -6.59 63.04
C LEU B 104 34.13 -5.86 61.85
N GLU B 105 34.29 -6.44 60.66
CA GLU B 105 33.77 -5.86 59.43
C GLU B 105 33.01 -6.93 58.66
N SER B 106 31.79 -6.59 58.21
CA SER B 106 30.95 -7.52 57.49
C SER B 106 31.31 -7.50 56.02
N ILE B 107 31.78 -8.65 55.51
CA ILE B 107 32.28 -8.72 54.13
C ILE B 107 31.13 -8.59 53.13
N ARG B 108 30.05 -9.34 53.35
CA ARG B 108 28.94 -9.38 52.40
C ARG B 108 27.63 -9.32 53.15
N VAL B 109 26.78 -8.35 52.83
CA VAL B 109 25.56 -8.08 53.58
C VAL B 109 24.37 -8.09 52.61
N THR B 110 23.32 -8.81 52.97
CA THR B 110 22.06 -8.79 52.25
C THR B 110 20.92 -8.70 53.25
N GLY B 111 19.71 -8.55 52.71
CA GLY B 111 18.52 -8.55 53.53
C GLY B 111 18.14 -9.95 53.96
N PRO B 112 17.06 -10.04 54.74
CA PRO B 112 16.55 -11.35 55.15
C PRO B 112 16.03 -12.13 53.95
N GLY B 113 16.52 -13.36 53.80
CA GLY B 113 16.19 -14.18 52.65
C GLY B 113 16.90 -13.79 51.37
N GLY B 114 17.93 -12.95 51.45
CA GLY B 114 18.67 -12.55 50.27
C GLY B 114 18.07 -11.40 49.50
N VAL B 115 17.02 -10.76 50.02
CA VAL B 115 16.33 -9.67 49.32
C VAL B 115 17.17 -8.40 49.39
N PHE B 116 16.81 -7.41 48.57
CA PHE B 116 17.53 -6.15 48.55
C PHE B 116 17.19 -5.32 49.79
N CYS B 117 18.10 -4.42 50.15
CA CYS B 117 17.94 -3.58 51.31
C CYS B 117 17.17 -2.31 50.94
N ILE B 118 16.96 -1.43 51.93
CA ILE B 118 16.03 -0.30 51.80
C ILE B 118 16.78 1.03 51.68
N GLY B 119 17.54 1.40 52.70
CA GLY B 119 18.13 2.72 52.74
C GLY B 119 17.41 3.64 53.72
N SER B 120 18.15 4.62 54.25
CA SER B 120 17.57 5.58 55.18
C SER B 120 16.58 6.49 54.47
N GLU B 121 15.38 6.63 55.05
CA GLU B 121 14.22 7.10 54.32
C GLU B 121 13.65 8.44 54.78
N ARG B 122 14.34 9.17 55.65
CA ARG B 122 13.80 10.45 56.12
C ARG B 122 14.07 11.58 55.14
N GLY B 136 10.34 4.70 41.94
CA GLY B 136 10.65 5.58 43.04
C GLY B 136 9.79 6.83 43.07
N ASP B 137 8.70 6.81 42.30
CA ASP B 137 7.77 7.92 42.24
C ASP B 137 6.38 7.41 42.55
N ARG B 138 5.60 8.23 43.25
CA ARG B 138 4.25 7.85 43.65
C ARG B 138 3.33 7.76 42.44
N CYS B 139 2.27 6.97 42.60
CA CYS B 139 1.26 6.82 41.55
C CYS B 139 0.52 8.14 41.37
N TYR B 140 0.52 8.66 40.15
CA TYR B 140 -0.18 9.91 39.87
C TYR B 140 -1.69 9.76 39.99
N ASN B 141 -2.19 8.53 39.86
CA ASN B 141 -3.60 8.25 40.14
C ASN B 141 -3.92 8.45 41.62
N CYS B 142 -3.07 7.94 42.52
CA CYS B 142 -3.44 7.82 43.92
C CYS B 142 -2.46 8.43 44.91
N GLY B 143 -1.34 8.98 44.46
CA GLY B 143 -0.34 9.53 45.37
C GLY B 143 0.33 8.49 46.26
N GLY B 144 0.66 7.34 45.70
CA GLY B 144 1.21 6.25 46.48
C GLY B 144 2.27 5.43 45.80
N LEU B 145 3.24 4.93 46.58
CA LEU B 145 4.25 4.02 46.08
C LEU B 145 3.76 2.57 46.02
N ASP B 146 2.52 2.31 46.45
CA ASP B 146 2.00 0.95 46.47
C ASP B 146 1.82 0.40 45.06
N HIS B 147 1.22 1.19 44.17
CA HIS B 147 1.04 0.82 42.79
C HIS B 147 1.52 1.95 41.90
N HIS B 148 1.52 1.70 40.60
CA HIS B 148 1.73 2.74 39.61
C HIS B 148 0.53 2.75 38.66
N ALA B 149 0.51 3.75 37.76
CA ALA B 149 -0.75 4.19 37.13
C ALA B 149 -1.35 3.13 36.22
N LYS B 150 -0.51 2.46 35.42
CA LYS B 150 -0.99 1.33 34.63
C LYS B 150 -1.45 0.19 35.53
N GLU B 151 -0.71 -0.08 36.61
CA GLU B 151 -1.11 -1.08 37.58
C GLU B 151 -2.32 -0.62 38.39
N CYS B 152 -2.48 0.70 38.56
CA CYS B 152 -3.54 1.24 39.40
C CYS B 152 -4.91 1.00 38.78
N LYS B 153 -5.83 0.46 39.58
CA LYS B 153 -7.16 0.13 39.11
C LYS B 153 -8.27 0.81 39.89
N LEU B 154 -7.96 1.50 40.98
CA LEU B 154 -8.96 2.27 41.70
C LEU B 154 -9.43 3.46 40.86
N PRO B 155 -10.64 3.96 41.10
CA PRO B 155 -11.13 5.09 40.31
C PRO B 155 -10.31 6.34 40.55
N PRO B 156 -10.23 7.23 39.55
CA PRO B 156 -9.31 8.38 39.64
C PRO B 156 -9.69 9.39 40.72
N GLN B 157 -8.68 10.03 41.27
CA GLN B 157 -8.74 10.92 42.41
C GLN B 157 -8.64 12.38 41.96
N PRO B 158 -9.22 13.31 42.71
CA PRO B 158 -9.09 14.73 42.36
C PRO B 158 -7.68 15.24 42.61
N LYS B 159 -7.37 16.38 41.99
CA LYS B 159 -6.05 17.00 42.10
C LYS B 159 -5.93 17.65 43.47
N LYS B 160 -5.53 16.84 44.44
CA LYS B 160 -5.43 17.26 45.83
C LYS B 160 -3.97 17.47 46.22
N CYS B 161 -3.70 18.60 46.87
CA CYS B 161 -2.36 18.87 47.39
C CYS B 161 -2.01 17.90 48.50
N HIS B 162 -0.74 17.48 48.54
CA HIS B 162 -0.31 16.53 49.56
C HIS B 162 -0.15 17.19 50.93
N PHE B 163 0.29 18.45 50.96
CA PHE B 163 0.66 19.07 52.22
C PHE B 163 -0.56 19.44 53.05
N CYS B 164 -1.51 20.16 52.46
CA CYS B 164 -2.66 20.66 53.21
C CYS B 164 -3.93 19.86 52.95
N GLN B 165 -3.84 18.80 52.13
CA GLN B 165 -4.92 17.84 51.87
C GLN B 165 -6.17 18.51 51.31
N SER B 166 -5.96 19.42 50.37
CA SER B 166 -7.04 20.17 49.74
C SER B 166 -6.98 20.03 48.23
N ILE B 167 -8.15 19.88 47.61
CA ILE B 167 -8.24 19.75 46.16
C ILE B 167 -8.22 21.09 45.45
N SER B 168 -8.11 22.20 46.18
CA SER B 168 -8.12 23.52 45.57
C SER B 168 -6.86 23.79 44.75
N HIS B 169 -5.71 23.34 45.25
CA HIS B 169 -4.44 23.65 44.60
C HIS B 169 -3.55 22.42 44.59
N MET B 170 -2.46 22.52 43.85
CA MET B 170 -1.42 21.50 43.82
C MET B 170 -0.40 21.76 44.93
N VAL B 171 0.36 20.71 45.26
CA VAL B 171 1.22 20.76 46.44
C VAL B 171 2.43 21.67 46.21
N ALA B 172 2.88 21.84 44.97
CA ALA B 172 3.99 22.73 44.69
C ALA B 172 3.62 24.20 44.88
N SER B 173 2.34 24.52 44.81
CA SER B 173 1.84 25.87 45.06
C SER B 173 1.11 25.98 46.39
N CYS B 174 1.42 25.08 47.33
CA CYS B 174 0.82 25.14 48.65
C CYS B 174 1.31 26.38 49.40
N PRO B 175 0.41 27.15 50.02
CA PRO B 175 0.86 28.37 50.72
C PRO B 175 1.64 28.09 51.99
N LEU B 176 1.37 26.98 52.68
CA LEU B 176 2.02 26.67 53.94
C LEU B 176 3.34 25.91 53.75
N LYS B 177 3.74 25.63 52.52
CA LYS B 177 4.98 24.91 52.26
C LYS B 177 6.20 25.77 52.54
ZN ZN D . -7.65 9.96 21.28
ZN ZN E . 5.35 -1.07 -0.17
ZN ZN F . -1.96 4.01 42.16
ZN ZN G . -1.64 22.62 49.91
#